data_3IT3
#
_entry.id   3IT3
#
_cell.length_a   61.646
_cell.length_b   61.646
_cell.length_c   211.439
_cell.angle_alpha   90.000
_cell.angle_beta   90.000
_cell.angle_gamma   90.000
#
_symmetry.space_group_name_H-M   'P 41'
#
loop_
_entity.id
_entity.type
_entity.pdbx_description
1 polymer 'Acid phosphatase'
2 non-polymer '[(2R,3S,4R,5R)-5-(6-aminopurin-9-yl)-4-hydroxy-2-(hydroxymethyl)oxolan-3-yl] dihydrogen phosphate'
3 water water
#
_entity_poly.entity_id   1
_entity_poly.type   'polypeptide(L)'
_entity_poly.pdbx_seq_one_letter_code
;MVGYSSKLIFVSMITRHGDRAPFANIENANYSWGTELSELTPIGMNQEYNLGLQLRKRYIDKFGLLPEHYVDQSIYVLSS
HTNRTVVSAQSLLMGLYPAGTGPLIGDGDPAIKDRFQPIPIMTLSADSRLIQFPYEQYLAVLKKYVYNSPEWQNKTKEAA
PNFAKWQQILGNRISGLNDVITVGDVLIVAQAHGKPLPKGLSQEDADQIIALTDWGLAQQFKSQKVSYIMGGKLTNRMIE
DLNNAVNGKSKYKMTYYSGHALTLLEVMGTLGVPLDTAPGYASNLEMELYKDGDIYTVKLRYNGKYVKLPIMDKNNSCSL
DALNKYMQSINEKFQKHHHHHH
;
_entity_poly.pdbx_strand_id   A,B
#
loop_
_chem_comp.id
_chem_comp.type
_chem_comp.name
_chem_comp.formula
3AM non-polymer '[(2R,3S,4R,5R)-5-(6-aminopurin-9-yl)-4-hydroxy-2-(hydroxymethyl)oxolan-3-yl] dihydrogen phosphate' 'C10 H14 N5 O7 P'
#
# COMPACT_ATOMS: atom_id res chain seq x y z
N SER A 6 -15.21 22.14 24.19
CA SER A 6 -14.33 21.78 23.09
C SER A 6 -14.50 20.31 22.70
N LYS A 7 -14.51 20.04 21.40
CA LYS A 7 -14.65 18.69 20.88
C LYS A 7 -13.47 18.36 19.99
N LEU A 8 -12.98 17.13 20.11
CA LEU A 8 -11.94 16.63 19.23
C LEU A 8 -12.50 16.49 17.81
N ILE A 9 -11.84 17.13 16.84
CA ILE A 9 -12.34 17.08 15.46
C ILE A 9 -11.39 16.41 14.46
N PHE A 10 -10.14 16.19 14.86
CA PHE A 10 -9.17 15.60 13.95
C PHE A 10 -7.95 15.11 14.70
N VAL A 11 -7.33 14.04 14.22
CA VAL A 11 -6.07 13.55 14.78
C VAL A 11 -5.11 13.19 13.65
N SER A 12 -3.85 13.60 13.78
CA SER A 12 -2.80 13.02 12.94
C SER A 12 -1.88 12.15 13.79
N MET A 13 -1.57 10.95 13.30
CA MET A 13 -0.86 9.96 14.08
C MET A 13 0.34 9.37 13.35
N ILE A 14 1.43 9.13 14.10
CA ILE A 14 2.56 8.33 13.62
C ILE A 14 2.68 7.12 14.52
N THR A 15 2.95 5.95 13.95
CA THR A 15 3.40 4.80 14.74
C THR A 15 4.79 4.36 14.32
N ARG A 16 5.51 3.76 15.26
CA ARG A 16 6.58 2.84 14.89
C ARG A 16 5.92 1.47 14.74
N HIS A 17 6.48 0.66 13.83
CA HIS A 17 5.99 -0.70 13.61
C HIS A 17 6.20 -1.58 14.84
N GLY A 18 5.67 -2.79 14.80
CA GLY A 18 5.79 -3.69 15.94
C GLY A 18 7.07 -4.50 15.93
N ASP A 19 7.18 -5.40 16.90
CA ASP A 19 8.33 -6.28 17.00
C ASP A 19 8.69 -6.90 15.65
N ARG A 20 9.99 -6.84 15.32
CA ARG A 20 10.46 -7.39 14.06
C ARG A 20 11.70 -8.23 14.29
N ALA A 21 12.06 -9.04 13.29
CA ALA A 21 13.35 -9.69 13.28
C ALA A 21 14.43 -8.62 13.07
N PRO A 22 15.70 -8.96 13.34
CA PRO A 22 16.75 -7.95 13.12
C PRO A 22 17.03 -7.75 11.63
N PHE A 23 17.89 -6.77 11.32
CA PHE A 23 18.43 -6.61 9.97
C PHE A 23 19.72 -7.38 9.79
N ALA A 24 20.45 -7.55 10.88
CA ALA A 24 21.79 -8.11 10.82
C ALA A 24 21.87 -9.39 11.64
N ASN A 25 22.97 -10.11 11.50
CA ASN A 25 23.26 -11.27 12.34
C ASN A 25 24.46 -10.99 13.22
N ILE A 26 24.44 -11.52 14.43
CA ILE A 26 25.65 -11.60 15.24
C ILE A 26 26.42 -12.82 14.74
N GLU A 27 27.66 -12.58 14.32
CA GLU A 27 28.42 -13.62 13.62
C GLU A 27 28.63 -14.88 14.46
N ASN A 28 28.86 -14.69 15.76
CA ASN A 28 29.21 -15.81 16.62
C ASN A 28 28.02 -16.39 17.38
N ALA A 29 26.82 -16.05 16.94
CA ALA A 29 25.59 -16.64 17.49
C ALA A 29 24.83 -17.37 16.39
N ASN A 30 23.92 -18.23 16.78
CA ASN A 30 23.13 -19.00 15.82
C ASN A 30 21.64 -18.83 16.03
N TYR A 31 21.21 -17.58 16.16
CA TYR A 31 19.81 -17.30 16.46
C TYR A 31 18.91 -17.70 15.30
N SER A 32 17.74 -18.24 15.64
CA SER A 32 16.71 -18.55 14.65
C SER A 32 15.46 -17.77 15.00
N TRP A 33 14.98 -16.93 14.08
CA TRP A 33 13.89 -15.99 14.39
C TRP A 33 12.48 -16.50 14.09
N GLY A 34 12.35 -17.38 13.10
CA GLY A 34 11.03 -17.85 12.71
C GLY A 34 10.36 -16.93 11.70
N THR A 35 11.05 -15.85 11.37
CA THR A 35 10.61 -14.80 10.46
CA THR A 35 10.65 -15.04 10.23
C THR A 35 11.84 -14.38 9.63
N GLU A 36 11.66 -13.87 8.41
CA GLU A 36 12.77 -13.32 7.65
C GLU A 36 13.28 -12.03 8.29
N LEU A 37 14.55 -11.74 8.06
CA LEU A 37 15.16 -10.51 8.58
C LEU A 37 14.31 -9.30 8.23
N SER A 38 14.14 -8.44 9.24
CA SER A 38 13.40 -7.19 9.13
C SER A 38 11.89 -7.30 9.02
N GLU A 39 11.34 -8.52 8.99
CA GLU A 39 9.89 -8.68 8.90
C GLU A 39 9.22 -8.56 10.26
N LEU A 40 7.97 -8.13 10.27
CA LEU A 40 7.17 -8.09 11.48
C LEU A 40 6.89 -9.52 11.95
N THR A 41 7.07 -9.77 13.24
CA THR A 41 6.81 -11.08 13.82
C THR A 41 5.34 -11.17 14.27
N PRO A 42 4.87 -12.37 14.63
CA PRO A 42 3.53 -12.50 15.21
C PRO A 42 3.36 -11.62 16.46
N ILE A 43 4.40 -11.54 17.29
CA ILE A 43 4.35 -10.65 18.45
C ILE A 43 4.12 -9.20 18.02
N GLY A 44 4.82 -8.79 16.96
CA GLY A 44 4.69 -7.44 16.43
C GLY A 44 3.29 -7.16 15.89
N MET A 45 2.69 -8.14 15.21
CA MET A 45 1.32 -8.02 14.77
C MET A 45 0.39 -7.81 15.96
N ASN A 46 0.59 -8.61 17.00
CA ASN A 46 -0.20 -8.51 18.21
C ASN A 46 -0.05 -7.15 18.90
N GLN A 47 1.16 -6.62 18.94
CA GLN A 47 1.38 -5.32 19.55
C GLN A 47 0.62 -4.22 18.84
N GLU A 48 0.63 -4.27 17.52
CA GLU A 48 -0.06 -3.25 16.74
C GLU A 48 -1.57 -3.41 16.84
N TYR A 49 -2.04 -4.66 16.80
CA TYR A 49 -3.45 -4.95 16.97
C TYR A 49 -3.95 -4.40 18.32
N ASN A 50 -3.19 -4.65 19.37
CA ASN A 50 -3.56 -4.17 20.69
C ASN A 50 -3.54 -2.64 20.77
N LEU A 51 -2.59 -2.00 20.09
CA LEU A 51 -2.58 -0.54 20.02
C LEU A 51 -3.86 -0.06 19.32
N GLY A 52 -4.25 -0.75 18.24
CA GLY A 52 -5.51 -0.46 17.58
C GLY A 52 -6.72 -0.52 18.51
N LEU A 53 -6.78 -1.56 19.34
CA LEU A 53 -7.87 -1.67 20.31
C LEU A 53 -7.85 -0.50 21.27
N GLN A 54 -6.67 -0.08 21.69
CA GLN A 54 -6.51 1.05 22.61
C GLN A 54 -6.99 2.34 21.94
N LEU A 55 -6.64 2.50 20.68
CA LEU A 55 -7.04 3.68 19.93
C LEU A 55 -8.55 3.71 19.68
N ARG A 56 -9.17 2.54 19.53
CA ARG A 56 -10.63 2.48 19.44
C ARG A 56 -11.26 2.96 20.76
N LYS A 57 -10.74 2.49 21.88
CA LYS A 57 -11.30 2.92 23.16
C LYS A 57 -11.16 4.43 23.33
N ARG A 58 -10.07 4.98 22.80
CA ARG A 58 -9.81 6.40 22.98
C ARG A 58 -10.58 7.26 21.98
N TYR A 59 -10.37 7.03 20.69
CA TYR A 59 -10.89 7.95 19.68
C TYR A 59 -12.30 7.62 19.18
N ILE A 60 -12.75 6.40 19.44
CA ILE A 60 -14.14 6.03 19.14
C ILE A 60 -14.98 6.06 20.41
N ASP A 61 -14.64 5.25 21.41
CA ASP A 61 -15.46 5.16 22.62
C ASP A 61 -15.48 6.43 23.48
N LYS A 62 -14.31 6.96 23.78
CA LYS A 62 -14.19 8.08 24.70
C LYS A 62 -14.50 9.42 24.05
N PHE A 63 -13.79 9.75 22.97
CA PHE A 63 -13.96 11.05 22.32
C PHE A 63 -15.05 11.07 21.26
N GLY A 64 -15.37 9.91 20.69
CA GLY A 64 -16.38 9.83 19.64
C GLY A 64 -16.01 10.59 18.38
N LEU A 65 -14.72 10.80 18.16
CA LEU A 65 -14.26 11.42 16.92
C LEU A 65 -14.64 10.54 15.75
N LEU A 66 -14.36 9.25 15.89
CA LEU A 66 -14.62 8.27 14.85
C LEU A 66 -15.82 7.41 15.23
N PRO A 67 -16.54 6.89 14.23
CA PRO A 67 -17.68 6.03 14.48
C PRO A 67 -17.27 4.58 14.71
N GLU A 68 -18.20 3.75 15.17
CA GLU A 68 -17.90 2.36 15.48
C GLU A 68 -17.71 1.49 14.24
N HIS A 69 -18.33 1.88 13.13
CA HIS A 69 -18.18 1.20 11.84
C HIS A 69 -17.49 2.12 10.86
N TYR A 70 -16.49 1.60 10.16
CA TYR A 70 -15.63 2.45 9.33
C TYR A 70 -16.38 3.19 8.23
N VAL A 71 -16.10 4.49 8.14
CA VAL A 71 -16.64 5.32 7.06
C VAL A 71 -15.61 5.49 5.97
N ASP A 72 -15.96 5.15 4.73
CA ASP A 72 -14.97 5.24 3.67
C ASP A 72 -14.50 6.69 3.51
N GLN A 73 -13.20 6.84 3.31
CA GLN A 73 -12.54 8.13 3.12
C GLN A 73 -12.47 8.94 4.41
N SER A 74 -12.69 8.30 5.56
CA SER A 74 -12.59 8.99 6.84
C SER A 74 -11.17 8.97 7.43
N ILE A 75 -10.36 7.98 7.04
CA ILE A 75 -9.00 7.90 7.56
C ILE A 75 -8.06 7.74 6.36
N TYR A 76 -7.02 8.57 6.34
CA TYR A 76 -6.01 8.47 5.31
C TYR A 76 -4.81 7.77 5.94
N VAL A 77 -4.41 6.64 5.37
CA VAL A 77 -3.25 5.89 5.89
C VAL A 77 -2.16 5.83 4.84
N LEU A 78 -0.97 6.28 5.22
CA LEU A 78 0.20 6.26 4.35
C LEU A 78 1.34 5.59 5.10
N SER A 79 1.94 4.59 4.46
CA SER A 79 3.03 3.85 5.06
C SER A 79 4.31 4.03 4.27
N SER A 80 5.45 3.88 4.92
CA SER A 80 6.70 3.74 4.19
C SER A 80 6.66 2.44 3.39
N HIS A 81 7.57 2.34 2.44
CA HIS A 81 7.60 1.18 1.52
C HIS A 81 8.34 0.01 2.15
N THR A 82 7.82 -0.51 3.25
CA THR A 82 8.38 -1.71 3.87
C THR A 82 7.27 -2.65 4.29
N ASN A 83 7.55 -3.94 4.30
CA ASN A 83 6.55 -4.90 4.70
C ASN A 83 6.13 -4.65 6.15
N ARG A 84 7.09 -4.40 7.04
CA ARG A 84 6.78 -4.27 8.45
C ARG A 84 5.86 -3.10 8.74
N THR A 85 6.03 -1.98 8.01
CA THR A 85 5.16 -0.84 8.27
C THR A 85 3.77 -1.03 7.66
N VAL A 86 3.67 -1.69 6.52
CA VAL A 86 2.34 -1.94 5.95
C VAL A 86 1.58 -2.93 6.82
N VAL A 87 2.23 -4.04 7.18
CA VAL A 87 1.59 -5.03 8.02
C VAL A 87 1.26 -4.48 9.42
N SER A 88 2.11 -3.59 9.92
CA SER A 88 1.81 -2.96 11.20
C SER A 88 0.55 -2.12 11.11
N ALA A 89 0.42 -1.33 10.03
CA ALA A 89 -0.78 -0.53 9.85
C ALA A 89 -2.01 -1.41 9.73
N GLN A 90 -1.90 -2.48 8.94
CA GLN A 90 -3.03 -3.39 8.76
CA GLN A 90 -3.01 -3.42 8.76
C GLN A 90 -3.44 -4.00 10.10
N SER A 91 -2.45 -4.39 10.89
CA SER A 91 -2.70 -5.01 12.19
C SER A 91 -3.35 -4.02 13.15
N LEU A 92 -2.83 -2.79 13.18
CA LEU A 92 -3.44 -1.74 13.99
C LEU A 92 -4.88 -1.51 13.58
N LEU A 93 -5.14 -1.44 12.27
CA LEU A 93 -6.50 -1.18 11.80
C LEU A 93 -7.44 -2.33 12.12
N MET A 94 -6.90 -3.55 12.29
CA MET A 94 -7.70 -4.69 12.72
CA MET A 94 -7.70 -4.68 12.72
C MET A 94 -8.14 -4.55 14.18
N GLY A 95 -7.45 -3.70 14.93
CA GLY A 95 -7.86 -3.40 16.29
C GLY A 95 -8.77 -2.17 16.33
N LEU A 96 -8.45 -1.17 15.51
CA LEU A 96 -9.26 0.06 15.48
C LEU A 96 -10.68 -0.19 14.98
N TYR A 97 -10.79 -1.04 13.95
CA TYR A 97 -12.06 -1.46 13.36
C TYR A 97 -12.05 -2.99 13.28
N PRO A 98 -12.42 -3.64 14.38
CA PRO A 98 -12.24 -5.08 14.52
C PRO A 98 -13.26 -5.92 13.76
N ALA A 99 -12.94 -7.20 13.65
CA ALA A 99 -13.87 -8.18 13.15
C ALA A 99 -15.19 -8.04 13.90
N GLY A 100 -16.28 -8.10 13.13
CA GLY A 100 -17.61 -7.86 13.67
C GLY A 100 -18.15 -6.49 13.28
N THR A 101 -17.26 -5.58 12.88
CA THR A 101 -17.69 -4.23 12.53
C THR A 101 -17.71 -3.97 11.02
N GLY A 102 -17.17 -4.90 10.24
CA GLY A 102 -17.07 -4.75 8.80
C GLY A 102 -18.41 -4.82 8.09
N PRO A 103 -18.43 -4.49 6.80
CA PRO A 103 -19.70 -4.29 6.09
C PRO A 103 -20.49 -5.56 5.84
N LEU A 104 -21.80 -5.36 5.64
CA LEU A 104 -22.73 -6.42 5.29
C LEU A 104 -23.19 -6.25 3.85
N ILE A 105 -23.58 -7.36 3.23
CA ILE A 105 -24.31 -7.35 1.98
C ILE A 105 -25.64 -8.02 2.24
N GLY A 106 -26.47 -8.13 1.22
CA GLY A 106 -27.75 -8.82 1.34
C GLY A 106 -28.43 -8.58 2.69
N ASP A 107 -29.05 -9.63 3.22
CA ASP A 107 -29.77 -9.53 4.49
C ASP A 107 -28.84 -9.76 5.68
N GLY A 108 -28.00 -8.77 5.95
CA GLY A 108 -27.09 -8.85 7.08
C GLY A 108 -26.08 -9.98 6.96
N ASP A 109 -25.75 -10.35 5.73
CA ASP A 109 -24.69 -11.32 5.47
C ASP A 109 -23.37 -10.57 5.30
N PRO A 110 -22.29 -11.08 5.92
CA PRO A 110 -21.02 -10.35 5.93
C PRO A 110 -20.36 -10.28 4.55
N ALA A 111 -19.82 -9.12 4.18
CA ALA A 111 -19.08 -8.99 2.94
C ALA A 111 -17.86 -9.91 2.94
N ILE A 112 -17.22 -10.01 4.10
CA ILE A 112 -16.08 -10.90 4.30
C ILE A 112 -16.37 -11.66 5.57
N LYS A 113 -16.01 -12.94 5.59
CA LYS A 113 -16.27 -13.75 6.78
C LYS A 113 -15.73 -13.07 8.04
N ASP A 114 -16.48 -13.21 9.13
CA ASP A 114 -16.14 -12.60 10.41
C ASP A 114 -16.29 -11.08 10.38
N ARG A 115 -16.91 -10.57 9.33
CA ARG A 115 -17.10 -9.13 9.17
C ARG A 115 -15.80 -8.34 9.34
N PHE A 116 -14.75 -8.79 8.66
CA PHE A 116 -13.52 -8.01 8.60
CA PHE A 116 -13.51 -8.01 8.56
C PHE A 116 -13.79 -6.68 7.88
N GLN A 117 -13.03 -5.67 8.27
CA GLN A 117 -13.12 -4.34 7.69
C GLN A 117 -11.84 -3.94 6.94
N PRO A 118 -11.87 -3.98 5.61
CA PRO A 118 -10.72 -3.48 4.85
C PRO A 118 -10.65 -1.96 4.94
N ILE A 119 -9.45 -1.43 5.14
CA ILE A 119 -9.22 0.01 5.16
C ILE A 119 -7.96 0.25 4.34
N PRO A 120 -8.06 1.08 3.28
CA PRO A 120 -6.92 1.20 2.36
C PRO A 120 -5.69 1.82 2.99
N ILE A 121 -4.54 1.28 2.62
CA ILE A 121 -3.24 1.77 3.02
C ILE A 121 -2.45 2.08 1.75
N MET A 122 -2.02 3.33 1.58
CA MET A 122 -1.14 3.66 0.47
C MET A 122 0.30 3.56 0.96
N THR A 123 1.24 3.30 0.05
CA THR A 123 2.65 3.35 0.39
C THR A 123 3.37 4.41 -0.43
N LEU A 124 4.34 5.04 0.21
CA LEU A 124 5.31 5.85 -0.50
C LEU A 124 6.18 4.93 -1.34
N SER A 125 7.00 5.52 -2.20
CA SER A 125 8.04 4.74 -2.87
C SER A 125 9.18 4.49 -1.89
N ALA A 126 10.00 3.48 -2.18
CA ALA A 126 11.16 3.19 -1.36
C ALA A 126 12.14 4.38 -1.32
N ASP A 127 12.14 5.17 -2.38
CA ASP A 127 13.06 6.31 -2.48
C ASP A 127 12.59 7.54 -1.73
N SER A 128 11.35 7.51 -1.24
CA SER A 128 10.81 8.67 -0.54
C SER A 128 11.54 8.92 0.76
N ARG A 129 11.70 10.20 1.09
CA ARG A 129 12.31 10.59 2.36
C ARG A 129 11.29 11.08 3.37
N LEU A 130 10.00 10.94 3.05
CA LEU A 130 8.98 11.54 3.91
C LEU A 130 8.85 10.88 5.28
N ILE A 131 8.74 9.56 5.29
CA ILE A 131 8.51 8.84 6.54
C ILE A 131 9.81 8.29 7.13
N GLN A 132 10.68 7.79 6.26
CA GLN A 132 12.05 7.45 6.68
C GLN A 132 13.03 7.81 5.57
N PHE A 133 14.19 8.34 5.93
CA PHE A 133 15.28 8.45 4.96
C PHE A 133 15.72 7.04 4.61
N PRO A 134 15.97 6.79 3.31
CA PRO A 134 16.62 5.53 2.95
C PRO A 134 17.88 5.34 3.80
N TYR A 135 18.14 4.10 4.21
CA TYR A 135 19.14 3.84 5.24
C TYR A 135 20.51 4.47 4.99
N GLU A 136 21.03 4.33 3.77
CA GLU A 136 22.35 4.88 3.49
C GLU A 136 22.36 6.42 3.53
N GLN A 137 21.25 7.05 3.15
CA GLN A 137 21.14 8.50 3.22
C GLN A 137 21.06 8.95 4.68
N TYR A 138 20.37 8.15 5.50
CA TYR A 138 20.31 8.38 6.94
C TYR A 138 21.71 8.31 7.55
N LEU A 139 22.46 7.26 7.26
CA LEU A 139 23.80 7.13 7.80
C LEU A 139 24.70 8.27 7.33
N ALA A 140 24.48 8.75 6.11
CA ALA A 140 25.28 9.86 5.58
C ALA A 140 25.01 11.15 6.37
N VAL A 141 23.77 11.38 6.77
CA VAL A 141 23.45 12.51 7.62
C VAL A 141 24.16 12.37 8.97
N LEU A 142 24.15 11.16 9.52
CA LEU A 142 24.83 10.94 10.80
C LEU A 142 26.33 11.21 10.71
N LYS A 143 26.94 10.73 9.63
CA LYS A 143 28.38 10.89 9.45
C LYS A 143 28.75 12.37 9.43
N LYS A 144 27.93 13.15 8.75
CA LYS A 144 28.20 14.57 8.57
C LYS A 144 27.92 15.40 9.83
N TYR A 145 26.78 15.13 10.48
CA TYR A 145 26.30 15.99 11.55
C TYR A 145 26.40 15.44 12.96
N VAL A 146 26.47 14.11 13.10
CA VAL A 146 26.43 13.50 14.42
C VAL A 146 27.75 12.88 14.88
N TYR A 147 28.38 12.07 14.03
CA TYR A 147 29.51 11.25 14.49
C TYR A 147 30.72 12.05 15.01
N ASN A 148 30.89 13.28 14.53
CA ASN A 148 32.02 14.10 14.96
C ASN A 148 31.63 15.16 15.99
N SER A 149 30.36 15.18 16.37
CA SER A 149 29.89 16.09 17.42
C SER A 149 30.59 15.75 18.74
N PRO A 150 30.79 16.77 19.59
CA PRO A 150 31.48 16.57 20.88
C PRO A 150 30.82 15.48 21.73
N GLU A 151 29.48 15.46 21.75
CA GLU A 151 28.77 14.47 22.56
C GLU A 151 29.04 13.05 22.09
N TRP A 152 29.06 12.86 20.77
CA TRP A 152 29.29 11.55 20.19
C TRP A 152 30.74 11.11 20.44
N GLN A 153 31.67 12.05 20.27
CA GLN A 153 33.08 11.75 20.50
C GLN A 153 33.36 11.42 21.95
N ASN A 154 32.75 12.18 22.86
CA ASN A 154 32.94 11.93 24.29
C ASN A 154 32.43 10.56 24.72
N LYS A 155 31.23 10.22 24.24
CA LYS A 155 30.65 8.92 24.55
C LYS A 155 31.48 7.81 23.91
N THR A 156 31.97 8.06 22.70
CA THR A 156 32.84 7.10 22.03
C THR A 156 34.06 6.79 22.89
N LYS A 157 34.72 7.84 23.37
CA LYS A 157 35.92 7.65 24.20
C LYS A 157 35.62 6.86 25.47
N GLU A 158 34.44 7.08 26.05
CA GLU A 158 34.01 6.34 27.24
C GLU A 158 33.85 4.85 26.97
N ALA A 159 33.23 4.53 25.83
CA ALA A 159 32.87 3.17 25.49
C ALA A 159 34.01 2.40 24.83
N ALA A 160 34.92 3.13 24.22
CA ALA A 160 35.98 2.57 23.38
C ALA A 160 36.81 1.43 24.02
N PRO A 161 37.08 1.52 25.32
CA PRO A 161 37.86 0.44 25.96
C PRO A 161 37.17 -0.93 25.88
N ASN A 162 35.89 -0.95 25.53
CA ASN A 162 35.15 -2.21 25.42
C ASN A 162 35.09 -2.78 24.01
N PHE A 163 35.49 -1.99 23.01
CA PHE A 163 35.32 -2.40 21.62
C PHE A 163 36.03 -3.71 21.24
N ALA A 164 37.30 -3.84 21.63
CA ALA A 164 38.07 -5.03 21.27
C ALA A 164 37.43 -6.31 21.79
N LYS A 165 37.04 -6.27 23.06
CA LYS A 165 36.41 -7.42 23.71
C LYS A 165 35.10 -7.78 23.02
N TRP A 166 34.25 -6.76 22.80
CA TRP A 166 32.95 -7.00 22.19
C TRP A 166 33.11 -7.55 20.78
N GLN A 167 34.10 -7.04 20.05
CA GLN A 167 34.39 -7.55 18.72
C GLN A 167 34.79 -9.02 18.72
N GLN A 168 35.67 -9.42 19.63
CA GLN A 168 36.11 -10.82 19.66
C GLN A 168 34.99 -11.74 20.12
N ILE A 169 34.17 -11.27 21.04
CA ILE A 169 33.06 -12.07 21.54
C ILE A 169 32.02 -12.27 20.43
N LEU A 170 31.59 -11.17 19.83
CA LEU A 170 30.49 -11.20 18.88
C LEU A 170 30.89 -11.55 17.44
N GLY A 171 32.13 -11.26 17.08
CA GLY A 171 32.60 -11.51 15.73
C GLY A 171 32.46 -10.29 14.84
N ASN A 172 31.29 -9.67 14.87
CA ASN A 172 31.03 -8.45 14.12
C ASN A 172 32.07 -7.39 14.41
N ARG A 173 32.41 -6.59 13.41
CA ARG A 173 33.31 -5.47 13.61
C ARG A 173 32.73 -4.48 14.62
N ILE A 174 33.53 -4.08 15.60
CA ILE A 174 33.14 -3.04 16.55
C ILE A 174 34.27 -2.03 16.63
N SER A 175 34.13 -0.90 15.96
CA SER A 175 35.18 0.11 15.98
C SER A 175 34.66 1.51 16.23
N GLY A 176 33.39 1.60 16.60
CA GLY A 176 32.78 2.88 16.91
C GLY A 176 31.36 2.65 17.43
N LEU A 177 30.74 3.72 17.93
CA LEU A 177 29.37 3.63 18.43
C LEU A 177 28.40 3.17 17.35
N ASN A 178 28.65 3.53 16.10
CA ASN A 178 27.79 3.05 15.02
C ASN A 178 27.71 1.53 14.99
N ASP A 179 28.85 0.86 15.18
CA ASP A 179 28.90 -0.60 15.19
C ASP A 179 28.23 -1.17 16.44
N VAL A 180 28.36 -0.47 17.57
CA VAL A 180 27.69 -0.86 18.79
C VAL A 180 26.17 -0.87 18.56
N ILE A 181 25.68 0.20 17.94
CA ILE A 181 24.27 0.33 17.60
C ILE A 181 23.79 -0.80 16.67
N THR A 182 24.63 -1.15 15.69
CA THR A 182 24.32 -2.23 14.77
C THR A 182 24.09 -3.57 15.49
N VAL A 183 25.01 -3.96 16.36
CA VAL A 183 24.83 -5.22 17.09
C VAL A 183 23.81 -5.09 18.21
N GLY A 184 23.68 -3.89 18.76
CA GLY A 184 22.69 -3.65 19.80
C GLY A 184 21.28 -3.99 19.34
N ASP A 185 20.94 -3.65 18.10
CA ASP A 185 19.62 -4.02 17.62
C ASP A 185 19.39 -5.53 17.69
N VAL A 186 20.41 -6.31 17.31
CA VAL A 186 20.26 -7.76 17.35
C VAL A 186 20.05 -8.23 18.79
N LEU A 187 20.77 -7.64 19.73
CA LEU A 187 20.61 -8.01 21.14
C LEU A 187 19.24 -7.63 21.68
N ILE A 188 18.70 -6.50 21.21
CA ILE A 188 17.37 -6.09 21.61
C ILE A 188 16.33 -7.10 21.11
N VAL A 189 16.47 -7.52 19.86
CA VAL A 189 15.58 -8.53 19.30
C VAL A 189 15.72 -9.86 20.05
N ALA A 190 16.96 -10.26 20.31
CA ALA A 190 17.20 -11.50 21.04
C ALA A 190 16.51 -11.47 22.41
N GLN A 191 16.67 -10.37 23.13
CA GLN A 191 16.04 -10.26 24.44
C GLN A 191 14.52 -10.28 24.34
N ALA A 192 13.97 -9.61 23.33
CA ALA A 192 12.52 -9.56 23.16
C ALA A 192 11.94 -10.94 22.86
N HIS A 193 12.78 -11.83 22.36
CA HIS A 193 12.35 -13.17 22.03
C HIS A 193 12.88 -14.25 22.95
N GLY A 194 13.43 -13.82 24.09
CA GLY A 194 13.88 -14.73 25.12
C GLY A 194 15.02 -15.65 24.72
N LYS A 195 15.87 -15.19 23.81
CA LYS A 195 17.00 -16.00 23.36
C LYS A 195 18.16 -15.89 24.33
N PRO A 196 18.99 -16.94 24.38
CA PRO A 196 20.16 -16.90 25.25
C PRO A 196 21.15 -15.84 24.77
N LEU A 197 21.98 -15.35 25.68
CA LEU A 197 23.08 -14.45 25.33
C LEU A 197 24.10 -15.16 24.45
N PRO A 198 24.78 -14.41 23.58
CA PRO A 198 25.91 -15.01 22.86
C PRO A 198 26.92 -15.55 23.87
N LYS A 199 27.58 -16.65 23.53
CA LYS A 199 28.59 -17.22 24.43
C LYS A 199 29.67 -16.19 24.73
N GLY A 200 30.00 -16.04 26.02
CA GLY A 200 31.03 -15.09 26.41
C GLY A 200 30.57 -13.65 26.59
N LEU A 201 29.33 -13.34 26.22
CA LEU A 201 28.79 -12.01 26.46
C LEU A 201 27.97 -12.02 27.73
N SER A 202 28.44 -11.34 28.76
CA SER A 202 27.75 -11.33 30.03
C SER A 202 26.49 -10.49 29.94
N GLN A 203 25.59 -10.66 30.89
CA GLN A 203 24.38 -9.87 30.88
C GLN A 203 24.76 -8.40 31.07
N GLU A 204 25.79 -8.16 31.86
CA GLU A 204 26.30 -6.81 32.07
C GLU A 204 26.74 -6.17 30.76
N ASP A 205 27.47 -6.92 29.94
CA ASP A 205 27.93 -6.40 28.66
C ASP A 205 26.77 -6.18 27.71
N ALA A 206 25.84 -7.13 27.66
CA ALA A 206 24.66 -6.95 26.81
C ALA A 206 23.90 -5.69 27.23
N ASP A 207 23.73 -5.50 28.53
CA ASP A 207 23.01 -4.34 29.03
C ASP A 207 23.71 -3.05 28.60
N GLN A 208 25.05 -3.04 28.66
CA GLN A 208 25.80 -1.85 28.29
C GLN A 208 25.64 -1.55 26.81
N ILE A 209 25.70 -2.58 25.97
CA ILE A 209 25.57 -2.40 24.53
C ILE A 209 24.18 -1.87 24.20
N ILE A 210 23.16 -2.45 24.83
CA ILE A 210 21.79 -2.01 24.59
C ILE A 210 21.59 -0.58 25.07
N ALA A 211 22.19 -0.24 26.21
CA ALA A 211 22.07 1.13 26.73
C ALA A 211 22.71 2.14 25.80
N LEU A 212 23.86 1.79 25.23
CA LEU A 212 24.55 2.67 24.29
C LEU A 212 23.72 2.83 23.01
N THR A 213 23.05 1.76 22.63
CA THR A 213 22.21 1.77 21.44
C THR A 213 21.05 2.74 21.63
N ASP A 214 20.38 2.65 22.78
CA ASP A 214 19.28 3.54 23.09
C ASP A 214 19.78 4.99 23.18
N TRP A 215 20.89 5.18 23.88
CA TRP A 215 21.49 6.51 24.01
C TRP A 215 21.81 7.10 22.64
N GLY A 216 22.42 6.29 21.78
CA GLY A 216 22.87 6.76 20.49
C GLY A 216 21.74 7.18 19.57
N LEU A 217 20.71 6.36 19.49
CA LEU A 217 19.56 6.69 18.66
C LEU A 217 18.92 8.01 19.10
N ALA A 218 18.74 8.17 20.41
CA ALA A 218 18.14 9.41 20.93
C ALA A 218 19.07 10.61 20.72
N GLN A 219 20.37 10.39 20.92
CA GLN A 219 21.33 11.48 20.81
C GLN A 219 21.31 12.11 19.42
N GLN A 220 21.12 11.28 18.40
CA GLN A 220 21.11 11.76 17.04
C GLN A 220 20.11 12.90 16.85
N PHE A 221 18.97 12.79 17.50
CA PHE A 221 17.87 13.72 17.26
C PHE A 221 17.75 14.83 18.30
N LYS A 222 18.70 14.87 19.24
CA LYS A 222 18.78 15.98 20.16
C LYS A 222 19.29 17.22 19.43
N SER A 223 19.82 17.01 18.23
CA SER A 223 20.08 18.11 17.31
C SER A 223 18.80 18.44 16.55
N GLN A 224 18.30 19.65 16.72
CA GLN A 224 17.11 20.06 15.99
C GLN A 224 17.41 20.16 14.49
N LYS A 225 18.65 20.50 14.15
CA LYS A 225 19.05 20.55 12.76
C LYS A 225 18.97 19.18 12.09
N VAL A 226 19.56 18.17 12.71
CA VAL A 226 19.48 16.80 12.19
C VAL A 226 18.02 16.38 12.07
N SER A 227 17.25 16.65 13.12
CA SER A 227 15.83 16.32 13.13
C SER A 227 15.08 16.97 11.97
N TYR A 228 15.37 18.23 11.73
CA TYR A 228 14.70 18.96 10.66
C TYR A 228 15.08 18.44 9.27
N ILE A 229 16.36 18.15 9.07
CA ILE A 229 16.80 17.61 7.80
C ILE A 229 15.96 16.40 7.43
N MET A 230 15.77 15.49 8.38
CA MET A 230 15.06 14.26 8.08
C MET A 230 13.55 14.33 8.30
N GLY A 231 13.13 15.19 9.23
CA GLY A 231 11.74 15.20 9.69
C GLY A 231 10.95 16.46 9.42
N GLY A 232 11.60 17.48 8.88
CA GLY A 232 10.91 18.73 8.61
C GLY A 232 9.74 18.54 7.67
N LYS A 233 9.91 17.68 6.68
CA LYS A 233 8.87 17.48 5.68
C LYS A 233 7.62 16.87 6.29
N LEU A 234 7.78 15.81 7.06
CA LEU A 234 6.63 15.15 7.67
C LEU A 234 5.99 16.04 8.74
N THR A 235 6.81 16.74 9.52
CA THR A 235 6.27 17.62 10.56
C THR A 235 5.38 18.69 9.92
N ASN A 236 5.89 19.33 8.87
CA ASN A 236 5.10 20.30 8.12
C ASN A 236 3.81 19.70 7.57
N ARG A 237 3.90 18.47 7.05
CA ARG A 237 2.74 17.82 6.46
C ARG A 237 1.65 17.52 7.49
N MET A 238 2.05 17.06 8.67
CA MET A 238 1.08 16.77 9.72
C MET A 238 0.37 18.04 10.18
N ILE A 239 1.12 19.13 10.32
CA ILE A 239 0.51 20.40 10.70
C ILE A 239 -0.43 20.88 9.59
N GLU A 240 -0.03 20.68 8.34
CA GLU A 240 -0.91 21.02 7.23
C GLU A 240 -2.20 20.18 7.25
N ASP A 241 -2.10 18.92 7.68
CA ASP A 241 -3.28 18.09 7.83
C ASP A 241 -4.26 18.71 8.84
N LEU A 242 -3.73 19.24 9.94
CA LEU A 242 -4.57 19.91 10.93
C LEU A 242 -5.27 21.10 10.28
N ASN A 243 -4.50 21.90 9.55
CA ASN A 243 -5.04 23.09 8.89
C ASN A 243 -6.14 22.71 7.90
N ASN A 244 -5.93 21.61 7.17
CA ASN A 244 -6.92 21.17 6.19
C ASN A 244 -8.22 20.67 6.82
N ALA A 245 -8.15 20.31 8.10
CA ALA A 245 -9.34 19.88 8.84
C ALA A 245 -10.19 21.09 9.24
N VAL A 246 -9.58 22.27 9.24
CA VAL A 246 -10.26 23.51 9.61
C VAL A 246 -10.71 24.30 8.38
N ASN A 247 -9.86 24.32 7.36
CA ASN A 247 -10.08 25.18 6.20
C ASN A 247 -11.01 24.58 5.13
N GLY A 248 -11.48 23.36 5.36
CA GLY A 248 -12.43 22.74 4.47
C GLY A 248 -11.78 21.92 3.36
N LYS A 249 -10.46 21.93 3.29
CA LYS A 249 -9.75 21.27 2.19
C LYS A 249 -9.87 19.75 2.26
N SER A 250 -9.89 19.22 3.47
CA SER A 250 -9.96 17.77 3.65
C SER A 250 -11.07 17.35 4.59
N LYS A 251 -11.67 16.19 4.30
CA LYS A 251 -12.75 15.65 5.11
C LYS A 251 -12.31 14.47 5.99
N TYR A 252 -11.02 14.16 5.96
CA TYR A 252 -10.52 13.09 6.82
C TYR A 252 -10.69 13.45 8.30
N LYS A 253 -11.03 12.45 9.11
CA LYS A 253 -11.03 12.59 10.57
C LYS A 253 -9.65 12.28 11.15
N MET A 254 -8.85 11.52 10.40
CA MET A 254 -7.53 11.14 10.86
C MET A 254 -6.60 10.93 9.68
N THR A 255 -5.36 11.39 9.83
CA THR A 255 -4.27 10.95 8.95
C THR A 255 -3.32 10.13 9.79
N TYR A 256 -2.88 8.99 9.24
CA TYR A 256 -2.04 8.05 9.96
C TYR A 256 -0.85 7.69 9.09
N TYR A 257 0.34 8.02 9.60
CA TYR A 257 1.60 7.72 8.95
C TYR A 257 2.27 6.55 9.66
N SER A 258 2.36 5.42 8.96
CA SER A 258 2.95 4.22 9.55
C SER A 258 4.44 4.19 9.27
N GLY A 259 5.22 4.28 10.35
CA GLY A 259 6.64 4.51 10.21
C GLY A 259 7.52 3.77 11.18
N HIS A 260 8.61 4.44 11.54
CA HIS A 260 9.78 3.84 12.17
C HIS A 260 10.21 4.60 13.41
N ALA A 261 11.19 4.04 14.12
CA ALA A 261 11.78 4.77 15.24
C ALA A 261 12.22 6.15 14.79
N LEU A 262 12.85 6.23 13.61
CA LEU A 262 13.36 7.50 13.09
C LEU A 262 12.24 8.51 12.83
N THR A 263 11.07 8.02 12.43
CA THR A 263 9.94 8.88 12.15
C THR A 263 9.51 9.63 13.41
N LEU A 264 9.39 8.89 14.51
CA LEU A 264 9.01 9.48 15.78
C LEU A 264 10.10 10.41 16.31
N LEU A 265 11.34 9.93 16.26
CA LEU A 265 12.47 10.73 16.72
C LEU A 265 12.59 12.04 15.96
N GLU A 266 12.41 11.99 14.65
CA GLU A 266 12.64 13.19 13.83
C GLU A 266 11.54 14.23 13.99
N VAL A 267 10.30 13.80 14.18
CA VAL A 267 9.19 14.74 14.38
C VAL A 267 9.26 15.38 15.77
N MET A 268 9.47 14.56 16.80
CA MET A 268 9.64 15.11 18.14
C MET A 268 10.84 16.05 18.18
N GLY A 269 11.93 15.66 17.54
CA GLY A 269 13.13 16.47 17.52
C GLY A 269 12.95 17.78 16.76
N THR A 270 12.22 17.72 15.65
CA THR A 270 11.95 18.92 14.86
C THR A 270 11.16 19.94 15.67
N LEU A 271 10.21 19.45 16.47
CA LEU A 271 9.36 20.32 17.28
C LEU A 271 10.04 20.82 18.55
N GLY A 272 11.29 20.41 18.76
CA GLY A 272 12.05 20.91 19.89
C GLY A 272 11.77 20.18 21.19
N VAL A 273 11.17 19.01 21.09
CA VAL A 273 10.93 18.16 22.24
C VAL A 273 11.53 16.76 22.01
N PRO A 274 12.85 16.72 21.76
CA PRO A 274 13.46 15.43 21.43
C PRO A 274 13.32 14.40 22.54
N LEU A 275 13.16 13.14 22.16
CA LEU A 275 13.08 12.03 23.11
C LEU A 275 14.43 11.75 23.75
N ASP A 276 14.40 11.24 24.98
CA ASP A 276 15.63 10.87 25.68
C ASP A 276 15.91 9.39 25.52
N THR A 277 14.92 8.66 25.00
CA THR A 277 15.04 7.22 24.81
C THR A 277 14.57 6.86 23.42
N ALA A 278 15.15 5.83 22.82
CA ALA A 278 14.73 5.36 21.51
C ALA A 278 13.34 4.73 21.59
N PRO A 279 12.46 5.07 20.63
CA PRO A 279 11.10 4.52 20.65
C PRO A 279 11.06 3.01 20.54
N GLY A 280 10.35 2.37 21.46
CA GLY A 280 10.11 0.94 21.39
C GLY A 280 9.06 0.60 20.34
N TYR A 281 8.82 -0.69 20.17
CA TYR A 281 7.82 -1.14 19.20
C TYR A 281 6.46 -0.58 19.53
N ALA A 282 5.72 -0.23 18.47
CA ALA A 282 4.37 0.31 18.59
C ALA A 282 4.28 1.61 19.41
N SER A 283 5.40 2.31 19.52
CA SER A 283 5.38 3.68 20.02
C SER A 283 4.55 4.52 19.05
N ASN A 284 3.97 5.59 19.56
CA ASN A 284 3.05 6.35 18.74
C ASN A 284 2.93 7.77 19.21
N LEU A 285 2.63 8.66 18.26
CA LEU A 285 2.47 10.07 18.52
CA LEU A 285 2.40 10.05 18.60
C LEU A 285 1.17 10.55 17.89
N GLU A 286 0.42 11.41 18.59
CA GLU A 286 -0.80 11.99 18.03
C GLU A 286 -0.79 13.50 18.18
N MET A 287 -1.15 14.19 17.11
CA MET A 287 -1.49 15.61 17.18
C MET A 287 -3.00 15.67 17.18
N GLU A 288 -3.56 16.19 18.27
CA GLU A 288 -5.01 16.28 18.43
C GLU A 288 -5.50 17.70 18.21
N LEU A 289 -6.52 17.85 17.37
CA LEU A 289 -7.11 19.16 17.07
C LEU A 289 -8.51 19.27 17.67
N TYR A 290 -8.73 20.31 18.47
CA TYR A 290 -10.00 20.53 19.15
C TYR A 290 -10.66 21.81 18.66
N LYS A 291 -11.99 21.78 18.65
CA LYS A 291 -12.77 22.94 18.22
C LYS A 291 -13.73 23.36 19.32
N ASP A 292 -13.68 24.64 19.68
CA ASP A 292 -14.68 25.23 20.55
C ASP A 292 -15.12 26.53 19.89
N GLY A 293 -16.20 26.47 19.12
CA GLY A 293 -16.65 27.60 18.33
C GLY A 293 -15.65 27.91 17.24
N ASP A 294 -15.11 29.12 17.27
CA ASP A 294 -14.10 29.54 16.29
C ASP A 294 -12.69 29.38 16.84
N ILE A 295 -12.59 28.83 18.04
CA ILE A 295 -11.29 28.62 18.68
C ILE A 295 -10.76 27.20 18.42
N TYR A 296 -9.56 27.12 17.84
CA TYR A 296 -8.95 25.83 17.55
C TYR A 296 -7.69 25.62 18.36
N THR A 297 -7.62 24.48 19.05
CA THR A 297 -6.49 24.19 19.91
C THR A 297 -5.87 22.84 19.58
N VAL A 298 -4.59 22.71 19.89
CA VAL A 298 -3.83 21.50 19.58
C VAL A 298 -3.17 20.94 20.83
N LYS A 299 -3.14 19.61 20.93
CA LYS A 299 -2.35 18.93 21.94
C LYS A 299 -1.49 17.87 21.26
N LEU A 300 -0.37 17.54 21.88
CA LEU A 300 0.62 16.61 21.33
C LEU A 300 0.79 15.46 22.33
N ARG A 301 0.52 14.25 21.87
CA ARG A 301 0.57 13.07 22.74
CA ARG A 301 0.56 13.06 22.73
C ARG A 301 1.64 12.11 22.24
N TYR A 302 2.48 11.63 23.16
CA TYR A 302 3.51 10.65 22.82
C TYR A 302 3.47 9.49 23.80
N ASN A 303 3.28 8.28 23.26
CA ASN A 303 3.18 7.08 24.10
C ASN A 303 2.26 7.26 25.31
N GLY A 304 1.10 7.88 25.06
CA GLY A 304 0.05 7.94 26.05
C GLY A 304 0.11 9.08 27.04
N LYS A 305 1.04 10.01 26.82
CA LYS A 305 1.19 11.16 27.70
C LYS A 305 1.32 12.45 26.89
N TYR A 306 0.64 13.50 27.33
CA TYR A 306 0.75 14.76 26.63
C TYR A 306 2.14 15.36 26.80
N VAL A 307 2.58 16.07 25.77
CA VAL A 307 3.90 16.68 25.76
C VAL A 307 3.74 18.19 25.61
N LYS A 308 4.46 18.93 26.45
CA LYS A 308 4.37 20.39 26.44
C LYS A 308 5.41 21.01 25.52
N LEU A 309 4.96 21.53 24.37
CA LEU A 309 5.82 22.32 23.52
C LEU A 309 6.09 23.64 24.22
N PRO A 310 7.18 24.32 23.85
CA PRO A 310 7.50 25.60 24.50
C PRO A 310 6.38 26.63 24.36
N ILE A 311 5.56 26.49 23.33
CA ILE A 311 4.49 27.43 23.06
C ILE A 311 3.18 27.09 23.79
N MET A 312 3.19 25.97 24.49
CA MET A 312 1.96 25.51 25.14
C MET A 312 1.77 26.03 26.56
N ASP A 313 0.53 26.03 27.03
CA ASP A 313 0.19 26.51 28.36
C ASP A 313 0.26 25.39 29.39
N LYS A 314 -0.14 25.70 30.62
CA LYS A 314 -0.09 24.73 31.72
C LYS A 314 -0.95 23.50 31.44
N ASN A 315 -1.84 23.62 30.46
CA ASN A 315 -2.72 22.52 30.11
C ASN A 315 -2.22 21.72 28.91
N ASN A 316 -0.96 21.93 28.55
CA ASN A 316 -0.35 21.24 27.41
C ASN A 316 -1.13 21.51 26.12
N SER A 317 -1.49 22.78 25.94
CA SER A 317 -2.31 23.15 24.80
C SER A 317 -1.88 24.49 24.21
N CYS A 318 -2.10 24.64 22.91
CA CYS A 318 -1.88 25.91 22.24
C CYS A 318 -2.88 26.05 21.11
N SER A 319 -3.05 27.27 20.61
CA SER A 319 -3.92 27.47 19.46
C SER A 319 -3.26 26.89 18.22
N LEU A 320 -4.06 26.54 17.22
CA LEU A 320 -3.51 26.08 15.95
C LEU A 320 -2.70 27.21 15.30
N ASP A 321 -3.20 28.44 15.43
CA ASP A 321 -2.48 29.61 14.94
C ASP A 321 -1.07 29.66 15.54
N ALA A 322 -0.98 29.44 16.84
CA ALA A 322 0.30 29.43 17.53
C ALA A 322 1.22 28.31 17.03
N LEU A 323 0.66 27.14 16.78
CA LEU A 323 1.43 26.01 16.28
C LEU A 323 1.98 26.34 14.89
N ASN A 324 1.13 26.97 14.07
CA ASN A 324 1.56 27.41 12.74
C ASN A 324 2.73 28.39 12.81
N LYS A 325 2.61 29.39 13.68
CA LYS A 325 3.68 30.38 13.85
C LYS A 325 4.95 29.70 14.33
N TYR A 326 4.81 28.74 15.24
CA TYR A 326 5.95 27.99 15.75
C TYR A 326 6.66 27.24 14.63
N MET A 327 5.88 26.51 13.83
CA MET A 327 6.45 25.74 12.72
C MET A 327 7.11 26.66 11.70
N GLN A 328 6.46 27.79 11.43
CA GLN A 328 7.01 28.76 10.49
C GLN A 328 8.39 29.22 10.94
N SER A 329 8.53 29.50 12.23
CA SER A 329 9.81 29.96 12.75
C SER A 329 10.88 28.87 12.63
N ILE A 330 10.48 27.62 12.79
CA ILE A 330 11.41 26.51 12.64
C ILE A 330 11.86 26.40 11.19
N ASN A 331 10.92 26.52 10.26
CA ASN A 331 11.24 26.52 8.83
C ASN A 331 12.23 27.65 8.49
N GLU A 332 11.98 28.84 8.99
CA GLU A 332 12.86 29.97 8.72
C GLU A 332 14.24 29.78 9.34
N LYS A 333 14.25 29.19 10.53
CA LYS A 333 15.48 28.92 11.27
C LYS A 333 16.41 28.01 10.48
N PHE A 334 15.84 27.05 9.76
CA PHE A 334 16.64 26.04 9.07
C PHE A 334 16.65 26.19 7.55
N GLN A 335 16.08 27.29 7.06
CA GLN A 335 16.07 27.59 5.63
C GLN A 335 17.50 27.71 5.10
N LYS A 336 17.75 27.10 3.94
CA LYS A 336 19.09 27.07 3.36
C LYS A 336 19.41 28.31 2.55
N HIS A 337 20.63 28.82 2.71
CA HIS A 337 21.12 29.91 1.87
C HIS A 337 21.57 29.35 0.53
N HIS A 338 20.79 29.63 -0.51
CA HIS A 338 21.08 29.14 -1.84
C HIS A 338 22.21 29.92 -2.49
N HIS A 339 22.97 29.26 -3.35
CA HIS A 339 24.06 29.91 -4.07
C HIS A 339 24.05 29.54 -5.55
N HIS A 340 24.56 30.44 -6.37
CA HIS A 340 24.81 30.13 -7.77
C HIS A 340 26.24 29.59 -7.90
N HIS A 341 26.57 29.07 -9.08
CA HIS A 341 27.89 28.48 -9.28
C HIS A 341 28.47 28.88 -10.63
N HIS A 342 29.72 28.51 -10.85
CA HIS A 342 30.38 28.79 -12.12
C HIS A 342 29.79 27.91 -13.23
N SER B 5 5.06 -35.58 -12.45
CA SER B 5 5.66 -35.14 -13.71
C SER B 5 6.03 -33.66 -13.66
N SER B 6 5.23 -32.83 -14.32
CA SER B 6 5.46 -31.39 -14.33
C SER B 6 4.77 -30.73 -13.15
N LYS B 7 5.44 -29.76 -12.53
CA LYS B 7 4.92 -29.11 -11.34
C LYS B 7 4.83 -27.60 -11.51
N LEU B 8 3.74 -27.02 -11.02
CA LEU B 8 3.59 -25.57 -11.01
C LEU B 8 4.57 -24.97 -9.99
N ILE B 9 5.41 -24.05 -10.45
CA ILE B 9 6.41 -23.44 -9.57
C ILE B 9 6.25 -21.94 -9.32
N PHE B 10 5.42 -21.27 -10.13
CA PHE B 10 5.25 -19.83 -9.99
C PHE B 10 4.00 -19.37 -10.73
N VAL B 11 3.37 -18.31 -10.22
CA VAL B 11 2.24 -17.68 -10.90
C VAL B 11 2.37 -16.17 -10.84
N SER B 12 2.13 -15.49 -11.95
CA SER B 12 1.92 -14.05 -11.90
C SER B 12 0.46 -13.75 -12.24
N MET B 13 -0.16 -12.89 -11.44
CA MET B 13 -1.59 -12.65 -11.53
C MET B 13 -1.95 -11.17 -11.61
N ILE B 14 -2.95 -10.85 -12.43
CA ILE B 14 -3.60 -9.53 -12.41
C ILE B 14 -5.06 -9.74 -12.04
N THR B 15 -5.60 -8.86 -11.19
CA THR B 15 -7.05 -8.76 -11.03
C THR B 15 -7.56 -7.40 -11.46
N ARG B 16 -8.81 -7.36 -11.91
CA ARG B 16 -9.57 -6.12 -11.81
C ARG B 16 -10.21 -6.11 -10.41
N HIS B 17 -10.38 -4.91 -9.87
CA HIS B 17 -11.03 -4.73 -8.57
C HIS B 17 -12.50 -5.18 -8.60
N GLY B 18 -13.14 -5.20 -7.44
CA GLY B 18 -14.51 -5.65 -7.36
C GLY B 18 -15.52 -4.53 -7.62
N ASP B 19 -16.79 -4.87 -7.47
CA ASP B 19 -17.87 -3.91 -7.65
C ASP B 19 -17.57 -2.58 -6.95
N ARG B 20 -17.76 -1.48 -7.67
CA ARG B 20 -17.51 -0.16 -7.10
C ARG B 20 -18.66 0.77 -7.42
N ALA B 21 -18.71 1.91 -6.72
CA ALA B 21 -19.60 2.99 -7.11
C ALA B 21 -19.08 3.60 -8.41
N PRO B 22 -19.92 4.40 -9.10
CA PRO B 22 -19.45 5.02 -10.34
C PRO B 22 -18.46 6.15 -10.07
N PHE B 23 -17.87 6.69 -11.15
CA PHE B 23 -17.09 7.93 -11.07
C PHE B 23 -17.96 9.15 -11.29
N ALA B 24 -19.01 8.96 -12.07
CA ALA B 24 -19.84 10.08 -12.52
C ALA B 24 -21.27 9.93 -12.02
N ASN B 25 -22.05 10.99 -12.15
CA ASN B 25 -23.49 10.93 -11.91
C ASN B 25 -24.25 11.10 -13.21
N ILE B 26 -25.38 10.41 -13.35
CA ILE B 26 -26.35 10.74 -14.38
C ILE B 26 -27.14 11.93 -13.87
N GLU B 27 -27.15 13.01 -14.65
CA GLU B 27 -27.68 14.28 -14.16
C GLU B 27 -29.15 14.21 -13.77
N ASN B 28 -29.92 13.45 -14.53
CA ASN B 28 -31.37 13.41 -14.34
C ASN B 28 -31.84 12.23 -13.50
N ALA B 29 -30.92 11.61 -12.78
CA ALA B 29 -31.26 10.55 -11.84
C ALA B 29 -30.82 10.94 -10.43
N ASN B 30 -31.36 10.26 -9.43
CA ASN B 30 -31.03 10.56 -8.04
C ASN B 30 -30.53 9.34 -7.30
N TYR B 31 -29.60 8.61 -7.91
CA TYR B 31 -29.10 7.38 -7.35
C TYR B 31 -28.33 7.62 -6.05
N SER B 32 -28.53 6.73 -5.08
CA SER B 32 -27.78 6.75 -3.83
C SER B 32 -27.02 5.43 -3.70
N TRP B 33 -25.69 5.51 -3.60
CA TRP B 33 -24.86 4.29 -3.68
C TRP B 33 -24.53 3.62 -2.36
N GLY B 34 -24.46 4.40 -1.27
CA GLY B 34 -24.06 3.82 0.00
C GLY B 34 -22.57 3.88 0.25
N THR B 35 -21.80 4.21 -0.78
CA THR B 35 -20.40 4.57 -0.58
CA THR B 35 -20.36 4.41 -0.71
C THR B 35 -19.99 5.64 -1.54
N GLU B 36 -18.82 6.21 -1.30
CA GLU B 36 -18.34 7.34 -2.09
C GLU B 36 -18.04 6.91 -3.52
N LEU B 37 -18.13 7.88 -4.44
CA LEU B 37 -17.81 7.61 -5.83
C LEU B 37 -16.45 6.92 -5.98
N SER B 38 -16.45 5.90 -6.83
CA SER B 38 -15.26 5.12 -7.17
C SER B 38 -14.74 4.17 -6.09
N GLU B 39 -15.38 4.13 -4.92
CA GLU B 39 -14.93 3.24 -3.86
C GLU B 39 -15.48 1.83 -4.04
N LEU B 40 -14.75 0.85 -3.55
CA LEU B 40 -15.22 -0.53 -3.53
C LEU B 40 -16.43 -0.66 -2.59
N THR B 41 -17.49 -1.32 -3.06
CA THR B 41 -18.68 -1.55 -2.25
C THR B 41 -18.54 -2.83 -1.43
N PRO B 42 -19.43 -3.06 -0.47
CA PRO B 42 -19.42 -4.35 0.25
C PRO B 42 -19.54 -5.54 -0.71
N ILE B 43 -20.36 -5.44 -1.75
CA ILE B 43 -20.44 -6.55 -2.68
C ILE B 43 -19.10 -6.75 -3.41
N GLY B 44 -18.41 -5.65 -3.72
CA GLY B 44 -17.09 -5.74 -4.33
C GLY B 44 -16.07 -6.42 -3.43
N MET B 45 -16.12 -6.13 -2.14
CA MET B 45 -15.26 -6.82 -1.18
C MET B 45 -15.56 -8.30 -1.20
N ASN B 46 -16.83 -8.64 -1.23
CA ASN B 46 -17.26 -10.03 -1.25
C ASN B 46 -16.81 -10.75 -2.52
N GLN B 47 -16.87 -10.07 -3.65
CA GLN B 47 -16.44 -10.68 -4.91
C GLN B 47 -14.96 -11.03 -4.88
N GLU B 48 -14.15 -10.12 -4.33
CA GLU B 48 -12.72 -10.36 -4.28
C GLU B 48 -12.38 -11.43 -3.25
N TYR B 49 -13.07 -11.39 -2.10
CA TYR B 49 -12.89 -12.42 -1.08
C TYR B 49 -13.20 -13.82 -1.64
N ASN B 50 -14.30 -13.93 -2.37
CA ASN B 50 -14.67 -15.20 -3.00
C ASN B 50 -13.66 -15.64 -4.05
N LEU B 51 -13.11 -14.69 -4.81
CA LEU B 51 -12.05 -15.03 -5.76
C LEU B 51 -10.84 -15.57 -5.00
N GLY B 52 -10.50 -14.94 -3.87
CA GLY B 52 -9.45 -15.45 -3.02
C GLY B 52 -9.67 -16.89 -2.58
N LEU B 53 -10.90 -17.22 -2.18
CA LEU B 53 -11.22 -18.59 -1.78
C LEU B 53 -11.02 -19.54 -2.96
N GLN B 54 -11.41 -19.11 -4.17
CA GLN B 54 -11.25 -19.93 -5.37
C GLN B 54 -9.76 -20.15 -5.67
N LEU B 55 -8.98 -19.10 -5.49
CA LEU B 55 -7.55 -19.19 -5.72
C LEU B 55 -6.86 -20.08 -4.70
N ARG B 56 -7.37 -20.10 -3.47
CA ARG B 56 -6.86 -21.04 -2.47
C ARG B 56 -7.13 -22.48 -2.88
N LYS B 57 -8.35 -22.75 -3.35
CA LYS B 57 -8.66 -24.11 -3.78
C LYS B 57 -7.77 -24.51 -4.95
N ARG B 58 -7.42 -23.55 -5.79
CA ARG B 58 -6.63 -23.86 -6.98
C ARG B 58 -5.13 -23.96 -6.68
N TYR B 59 -4.55 -22.89 -6.15
CA TYR B 59 -3.10 -22.85 -6.04
C TYR B 59 -2.52 -23.38 -4.74
N ILE B 60 -3.38 -23.55 -3.74
CA ILE B 60 -2.99 -24.23 -2.51
C ILE B 60 -3.49 -25.67 -2.50
N ASP B 61 -4.80 -25.87 -2.56
CA ASP B 61 -5.33 -27.25 -2.43
C ASP B 61 -4.99 -28.16 -3.61
N LYS B 62 -5.22 -27.67 -4.83
CA LYS B 62 -5.08 -28.50 -6.02
C LYS B 62 -3.62 -28.65 -6.48
N PHE B 63 -2.95 -27.52 -6.72
CA PHE B 63 -1.57 -27.54 -7.22
C PHE B 63 -0.51 -27.59 -6.13
N GLY B 64 -0.85 -27.14 -4.92
CA GLY B 64 0.10 -27.12 -3.83
C GLY B 64 1.30 -26.22 -4.06
N LEU B 65 1.14 -25.23 -4.93
CA LEU B 65 2.21 -24.26 -5.15
C LEU B 65 2.48 -23.50 -3.85
N LEU B 66 1.40 -23.05 -3.22
CA LEU B 66 1.46 -22.27 -2.00
C LEU B 66 1.02 -23.13 -0.81
N PRO B 67 1.54 -22.84 0.39
CA PRO B 67 1.16 -23.57 1.60
C PRO B 67 -0.13 -23.04 2.21
N GLU B 68 -0.70 -23.79 3.16
CA GLU B 68 -1.96 -23.41 3.78
C GLU B 68 -1.84 -22.22 4.72
N HIS B 69 -0.65 -22.02 5.29
CA HIS B 69 -0.36 -20.86 6.14
C HIS B 69 0.68 -19.99 5.48
N TYR B 70 0.42 -18.68 5.47
CA TYR B 70 1.24 -17.76 4.68
C TYR B 70 2.71 -17.73 5.09
N VAL B 71 3.57 -17.82 4.08
CA VAL B 71 5.01 -17.71 4.28
C VAL B 71 5.47 -16.31 3.96
N ASP B 72 6.13 -15.64 4.90
CA ASP B 72 6.53 -14.27 4.62
C ASP B 72 7.48 -14.22 3.42
N GLN B 73 7.27 -13.22 2.58
CA GLN B 73 8.04 -12.98 1.36
C GLN B 73 7.77 -14.01 0.27
N SER B 74 6.68 -14.75 0.40
CA SER B 74 6.31 -15.72 -0.64
C SER B 74 5.44 -15.12 -1.75
N ILE B 75 4.71 -14.04 -1.44
CA ILE B 75 3.87 -13.40 -2.46
C ILE B 75 4.19 -11.91 -2.48
N TYR B 76 4.44 -11.39 -3.68
CA TYR B 76 4.67 -9.97 -3.85
C TYR B 76 3.38 -9.37 -4.38
N VAL B 77 2.81 -8.41 -3.66
CA VAL B 77 1.57 -7.77 -4.08
C VAL B 77 1.82 -6.29 -4.32
N LEU B 78 1.48 -5.83 -5.53
CA LEU B 78 1.64 -4.44 -5.92
C LEU B 78 0.31 -3.96 -6.49
N SER B 79 -0.20 -2.86 -5.94
CA SER B 79 -1.47 -2.29 -6.38
C SER B 79 -1.26 -0.92 -7.01
N SER B 80 -2.17 -0.53 -7.89
CA SER B 80 -2.24 0.86 -8.29
C SER B 80 -2.61 1.71 -7.08
N HIS B 81 -2.40 3.01 -7.20
CA HIS B 81 -2.62 3.95 -6.10
C HIS B 81 -4.10 4.37 -6.03
N THR B 82 -4.98 3.40 -5.78
CA THR B 82 -6.40 3.70 -5.58
C THR B 82 -6.94 2.89 -4.41
N ASN B 83 -7.94 3.44 -3.74
CA ASN B 83 -8.52 2.72 -2.63
C ASN B 83 -9.11 1.39 -3.09
N ARG B 84 -9.83 1.41 -4.22
CA ARG B 84 -10.53 0.21 -4.66
C ARG B 84 -9.58 -0.94 -4.99
N THR B 85 -8.41 -0.63 -5.55
CA THR B 85 -7.47 -1.71 -5.86
C THR B 85 -6.74 -2.22 -4.61
N VAL B 86 -6.45 -1.35 -3.65
CA VAL B 86 -5.82 -1.82 -2.42
C VAL B 86 -6.79 -2.67 -1.61
N VAL B 87 -8.01 -2.17 -1.45
CA VAL B 87 -9.03 -2.90 -0.69
C VAL B 87 -9.41 -4.20 -1.41
N SER B 88 -9.38 -4.19 -2.74
CA SER B 88 -9.65 -5.43 -3.46
C SER B 88 -8.58 -6.47 -3.20
N ALA B 89 -7.31 -6.05 -3.23
CA ALA B 89 -6.23 -6.97 -2.93
C ALA B 89 -6.34 -7.51 -1.51
N GLN B 90 -6.65 -6.64 -0.56
N GLN B 90 -6.63 -6.63 -0.56
CA GLN B 90 -6.77 -7.06 0.83
CA GLN B 90 -6.78 -7.03 0.84
C GLN B 90 -7.90 -8.06 1.00
C GLN B 90 -7.88 -8.08 0.95
N SER B 91 -9.01 -7.81 0.31
CA SER B 91 -10.18 -8.69 0.38
C SER B 91 -9.88 -10.04 -0.24
N LEU B 92 -9.24 -10.03 -1.41
CA LEU B 92 -8.80 -11.27 -2.05
C LEU B 92 -7.88 -12.06 -1.12
N LEU B 93 -6.93 -11.39 -0.50
CA LEU B 93 -5.97 -12.09 0.36
C LEU B 93 -6.65 -12.65 1.61
N MET B 94 -7.78 -12.06 2.01
CA MET B 94 -8.57 -12.60 3.11
CA MET B 94 -8.59 -12.59 3.11
C MET B 94 -9.26 -13.91 2.72
N GLY B 95 -9.38 -14.16 1.42
CA GLY B 95 -9.88 -15.44 0.95
C GLY B 95 -8.75 -16.42 0.69
N LEU B 96 -7.64 -15.92 0.14
CA LEU B 96 -6.50 -16.79 -0.16
C LEU B 96 -5.86 -17.37 1.11
N TYR B 97 -5.76 -16.53 2.14
CA TYR B 97 -5.25 -16.92 3.44
C TYR B 97 -6.25 -16.45 4.49
N PRO B 98 -7.28 -17.28 4.71
CA PRO B 98 -8.45 -16.88 5.52
C PRO B 98 -8.20 -16.85 7.02
N ALA B 99 -9.12 -16.19 7.72
CA ALA B 99 -9.15 -16.25 9.16
C ALA B 99 -9.08 -17.70 9.62
N GLY B 100 -8.29 -17.94 10.65
CA GLY B 100 -8.01 -19.29 11.12
C GLY B 100 -6.64 -19.76 10.71
N THR B 101 -6.04 -19.11 9.70
CA THR B 101 -4.72 -19.53 9.21
C THR B 101 -3.58 -18.61 9.63
N GLY B 102 -3.93 -17.47 10.22
CA GLY B 102 -2.94 -16.48 10.61
C GLY B 102 -2.09 -16.93 11.79
N PRO B 103 -1.04 -16.16 12.09
CA PRO B 103 -0.01 -16.59 13.03
C PRO B 103 -0.46 -16.66 14.48
N LEU B 104 0.25 -17.49 15.25
CA LEU B 104 0.05 -17.63 16.68
C LEU B 104 1.24 -17.05 17.42
N ILE B 105 1.01 -16.60 18.64
CA ILE B 105 2.10 -16.24 19.55
C ILE B 105 2.11 -17.24 20.71
N ASP B 109 -2.28 -19.05 21.16
CA ASP B 109 -2.96 -17.76 21.21
C ASP B 109 -2.69 -16.95 19.94
N PRO B 110 -3.76 -16.48 19.29
CA PRO B 110 -3.66 -15.81 17.99
C PRO B 110 -2.97 -14.45 18.07
N ALA B 111 -2.10 -14.14 17.11
CA ALA B 111 -1.48 -12.83 17.03
C ALA B 111 -2.54 -11.75 16.87
N ILE B 112 -3.56 -12.05 16.07
CA ILE B 112 -4.70 -11.16 15.87
C ILE B 112 -5.94 -12.00 16.07
N LYS B 113 -6.97 -11.43 16.68
CA LYS B 113 -8.19 -12.20 16.92
C LYS B 113 -8.71 -12.82 15.62
N ASP B 114 -9.24 -14.04 15.75
CA ASP B 114 -9.74 -14.81 14.61
C ASP B 114 -8.61 -15.30 13.71
N ARG B 115 -7.37 -15.16 14.19
CA ARG B 115 -6.21 -15.58 13.40
C ARG B 115 -6.22 -14.99 11.99
N PHE B 116 -6.46 -13.69 11.89
CA PHE B 116 -6.28 -12.98 10.63
CA PHE B 116 -6.29 -13.01 10.62
C PHE B 116 -4.83 -13.08 10.18
N GLN B 117 -4.63 -13.07 8.87
CA GLN B 117 -3.29 -13.11 8.28
C GLN B 117 -2.99 -11.84 7.49
N PRO B 118 -2.17 -10.94 8.07
CA PRO B 118 -1.72 -9.77 7.30
C PRO B 118 -0.74 -10.19 6.20
N ILE B 119 -0.94 -9.64 5.00
CA ILE B 119 -0.02 -9.86 3.89
C ILE B 119 0.25 -8.50 3.26
N PRO B 120 1.52 -8.10 3.16
CA PRO B 120 1.79 -6.72 2.74
C PRO B 120 1.41 -6.44 1.30
N ILE B 121 0.87 -5.25 1.09
CA ILE B 121 0.51 -4.74 -0.23
C ILE B 121 1.26 -3.42 -0.43
N MET B 122 2.10 -3.35 -1.46
CA MET B 122 2.73 -2.08 -1.82
C MET B 122 1.85 -1.38 -2.85
N THR B 123 1.95 -0.06 -2.90
CA THR B 123 1.28 0.70 -3.97
C THR B 123 2.28 1.47 -4.80
N LEU B 124 2.00 1.53 -6.09
CA LEU B 124 2.67 2.47 -6.97
C LEU B 124 2.25 3.87 -6.57
N SER B 125 2.92 4.87 -7.14
CA SER B 125 2.46 6.24 -7.00
C SER B 125 1.28 6.46 -7.95
N ALA B 126 0.49 7.49 -7.69
CA ALA B 126 -0.63 7.82 -8.56
C ALA B 126 -0.19 8.16 -9.99
N ASP B 127 1.03 8.64 -10.14
CA ASP B 127 1.46 9.03 -11.48
CA ASP B 127 1.57 9.06 -11.44
C ASP B 127 2.12 7.89 -12.25
N SER B 128 2.22 6.72 -11.63
CA SER B 128 2.76 5.55 -12.31
C SER B 128 1.88 5.13 -13.46
N ARG B 129 2.50 4.69 -14.55
CA ARG B 129 1.75 4.16 -15.68
C ARG B 129 1.82 2.63 -15.77
N LEU B 130 2.36 1.99 -14.74
CA LEU B 130 2.59 0.55 -14.83
C LEU B 130 1.30 -0.26 -14.83
N ILE B 131 0.41 0.01 -13.88
CA ILE B 131 -0.80 -0.80 -13.75
C ILE B 131 -2.00 -0.15 -14.44
N GLN B 132 -2.11 1.17 -14.33
CA GLN B 132 -3.07 1.93 -15.14
C GLN B 132 -2.45 3.25 -15.55
N PHE B 133 -2.70 3.68 -16.79
CA PHE B 133 -2.39 5.04 -17.16
C PHE B 133 -3.28 5.97 -16.37
N PRO B 134 -2.73 7.07 -15.85
CA PRO B 134 -3.59 8.10 -15.26
C PRO B 134 -4.70 8.47 -16.25
N TYR B 135 -5.90 8.71 -15.76
CA TYR B 135 -7.08 8.78 -16.61
C TYR B 135 -6.94 9.73 -17.80
N GLU B 136 -6.44 10.95 -17.57
CA GLU B 136 -6.35 11.91 -18.66
C GLU B 136 -5.31 11.49 -19.70
N GLN B 137 -4.27 10.78 -19.26
CA GLN B 137 -3.26 10.28 -20.19
C GLN B 137 -3.84 9.15 -21.03
N TYR B 138 -4.69 8.34 -20.39
CA TYR B 138 -5.40 7.26 -21.07
C TYR B 138 -6.31 7.82 -22.16
N LEU B 139 -7.12 8.81 -21.80
CA LEU B 139 -8.00 9.43 -22.79
C LEU B 139 -7.21 10.07 -23.93
N ALA B 140 -6.04 10.61 -23.62
CA ALA B 140 -5.20 11.22 -24.66
C ALA B 140 -4.71 10.18 -25.67
N VAL B 141 -4.39 8.99 -25.20
CA VAL B 141 -4.02 7.89 -26.08
C VAL B 141 -5.22 7.53 -26.96
N LEU B 142 -6.41 7.48 -26.37
CA LEU B 142 -7.60 7.14 -27.14
C LEU B 142 -7.88 8.18 -28.23
N LYS B 143 -7.73 9.45 -27.89
CA LYS B 143 -7.99 10.53 -28.85
C LYS B 143 -7.09 10.39 -30.05
N LYS B 144 -5.83 10.05 -29.79
CA LYS B 144 -4.82 9.98 -30.84
C LYS B 144 -4.94 8.73 -31.71
N TYR B 145 -5.15 7.59 -31.06
CA TYR B 145 -5.05 6.30 -31.76
C TYR B 145 -6.37 5.58 -32.01
N VAL B 146 -7.41 5.90 -31.22
CA VAL B 146 -8.66 5.15 -31.32
C VAL B 146 -9.85 5.92 -31.90
N TYR B 147 -10.07 7.14 -31.43
CA TYR B 147 -11.31 7.85 -31.78
C TYR B 147 -11.49 8.15 -33.27
N ASN B 148 -10.38 8.26 -34.01
CA ASN B 148 -10.47 8.53 -35.44
C ASN B 148 -10.25 7.29 -36.30
N SER B 149 -10.08 6.15 -35.66
CA SER B 149 -9.94 4.88 -36.37
C SER B 149 -11.23 4.54 -37.11
N PRO B 150 -11.13 3.83 -38.24
CA PRO B 150 -12.31 3.51 -39.06
C PRO B 150 -13.39 2.79 -38.26
N GLU B 151 -12.98 1.85 -37.41
CA GLU B 151 -13.94 1.09 -36.63
C GLU B 151 -14.72 1.98 -35.66
N TRP B 152 -14.02 2.91 -35.02
CA TRP B 152 -14.65 3.82 -34.08
C TRP B 152 -15.60 4.77 -34.80
N GLN B 153 -15.16 5.32 -35.92
CA GLN B 153 -15.99 6.22 -36.71
C GLN B 153 -17.23 5.53 -37.25
N ASN B 154 -17.07 4.29 -37.71
CA ASN B 154 -18.21 3.54 -38.24
C ASN B 154 -19.26 3.26 -37.17
N LYS B 155 -18.78 2.82 -36.01
CA LYS B 155 -19.68 2.54 -34.90
C LYS B 155 -20.34 3.83 -34.43
N THR B 156 -19.57 4.92 -34.43
CA THR B 156 -20.10 6.23 -34.07
C THR B 156 -21.28 6.59 -34.96
N LYS B 157 -21.11 6.47 -36.27
CA LYS B 157 -22.16 6.82 -37.22
C LYS B 157 -23.42 5.97 -37.01
N GLU B 158 -23.21 4.70 -36.66
CA GLU B 158 -24.34 3.80 -36.42
C GLU B 158 -25.13 4.19 -35.17
N ALA B 159 -24.41 4.65 -34.15
CA ALA B 159 -25.02 4.97 -32.86
C ALA B 159 -25.53 6.42 -32.79
N ALA B 160 -24.96 7.28 -33.62
CA ALA B 160 -25.18 8.72 -33.55
C ALA B 160 -26.65 9.19 -33.57
N PRO B 161 -27.52 8.47 -34.31
CA PRO B 161 -28.93 8.88 -34.33
C PRO B 161 -29.60 8.81 -32.95
N ASN B 162 -28.96 8.16 -32.00
CA ASN B 162 -29.51 8.05 -30.65
C ASN B 162 -28.99 9.09 -29.66
N PHE B 163 -27.96 9.84 -30.06
CA PHE B 163 -27.29 10.76 -29.13
C PHE B 163 -28.21 11.85 -28.55
N ALA B 164 -28.98 12.52 -29.42
CA ALA B 164 -29.83 13.63 -28.98
C ALA B 164 -30.83 13.16 -27.92
N LYS B 165 -31.48 12.03 -28.20
CA LYS B 165 -32.47 11.47 -27.29
C LYS B 165 -31.84 11.11 -25.94
N TRP B 166 -30.71 10.40 -25.99
CA TRP B 166 -30.04 9.96 -24.77
C TRP B 166 -29.60 11.17 -23.95
N GLN B 167 -29.11 12.20 -24.63
CA GLN B 167 -28.72 13.43 -23.97
C GLN B 167 -29.88 14.11 -23.23
N GLN B 168 -31.05 14.21 -23.87
CA GLN B 168 -32.19 14.86 -23.24
C GLN B 168 -32.73 14.03 -22.09
N ILE B 169 -32.71 12.70 -22.25
CA ILE B 169 -33.21 11.82 -21.21
C ILE B 169 -32.31 11.88 -19.99
N LEU B 170 -31.00 11.71 -20.22
CA LEU B 170 -30.04 11.58 -19.13
C LEU B 170 -29.52 12.91 -18.57
N GLY B 171 -29.51 13.95 -19.40
CA GLY B 171 -28.99 15.25 -18.99
C GLY B 171 -27.52 15.41 -19.38
N ASN B 172 -26.72 14.40 -19.07
CA ASN B 172 -25.30 14.39 -19.42
C ASN B 172 -25.11 14.63 -20.91
N ARG B 173 -24.01 15.32 -21.26
CA ARG B 173 -23.69 15.53 -22.66
C ARG B 173 -23.45 14.19 -23.35
N ILE B 174 -24.06 13.99 -24.51
CA ILE B 174 -23.79 12.82 -25.33
C ILE B 174 -23.53 13.27 -26.76
N SER B 175 -22.26 13.34 -27.14
CA SER B 175 -21.92 13.79 -28.49
C SER B 175 -20.93 12.88 -29.18
N GLY B 176 -20.65 11.73 -28.58
CA GLY B 176 -19.78 10.73 -29.17
C GLY B 176 -19.79 9.45 -28.34
N LEU B 177 -19.15 8.41 -28.86
CA LEU B 177 -19.08 7.14 -28.14
C LEU B 177 -18.38 7.31 -26.79
N ASN B 178 -17.42 8.22 -26.71
CA ASN B 178 -16.77 8.48 -25.43
C ASN B 178 -17.78 8.86 -24.35
N ASP B 179 -18.76 9.68 -24.71
CA ASP B 179 -19.80 10.11 -23.75
C ASP B 179 -20.74 8.96 -23.43
N VAL B 180 -21.01 8.12 -24.43
CA VAL B 180 -21.84 6.94 -24.21
C VAL B 180 -21.18 6.03 -23.17
N ILE B 181 -19.88 5.84 -23.31
CA ILE B 181 -19.11 5.03 -22.37
C ILE B 181 -19.12 5.63 -20.94
N THR B 182 -19.03 6.95 -20.86
CA THR B 182 -19.08 7.65 -19.59
C THR B 182 -20.39 7.38 -18.83
N VAL B 183 -21.54 7.55 -19.50
CA VAL B 183 -22.81 7.26 -18.83
C VAL B 183 -23.08 5.76 -18.72
N GLY B 184 -22.53 4.97 -19.63
CA GLY B 184 -22.69 3.53 -19.58
C GLY B 184 -22.17 2.93 -18.29
N ASP B 185 -21.04 3.44 -17.79
CA ASP B 185 -20.53 2.94 -16.53
C ASP B 185 -21.56 3.14 -15.42
N VAL B 186 -22.21 4.30 -15.39
CA VAL B 186 -23.20 4.57 -14.34
C VAL B 186 -24.37 3.57 -14.46
N LEU B 187 -24.79 3.29 -15.68
CA LEU B 187 -25.88 2.35 -15.91
C LEU B 187 -25.49 0.93 -15.50
N ILE B 188 -24.23 0.56 -15.72
CA ILE B 188 -23.74 -0.74 -15.30
C ILE B 188 -23.78 -0.86 -13.78
N VAL B 189 -23.31 0.19 -13.09
CA VAL B 189 -23.37 0.21 -11.63
C VAL B 189 -24.81 0.16 -11.13
N ALA B 190 -25.68 0.97 -11.74
CA ALA B 190 -27.08 0.96 -11.37
C ALA B 190 -27.69 -0.43 -11.49
N GLN B 191 -27.43 -1.11 -12.61
CA GLN B 191 -27.97 -2.45 -12.81
C GLN B 191 -27.40 -3.44 -11.78
N ALA B 192 -26.10 -3.33 -11.49
CA ALA B 192 -25.46 -4.22 -10.53
C ALA B 192 -26.04 -4.05 -9.12
N HIS B 193 -26.63 -2.89 -8.87
CA HIS B 193 -27.21 -2.59 -7.56
C HIS B 193 -28.73 -2.56 -7.55
N GLY B 194 -29.33 -3.04 -8.63
CA GLY B 194 -30.77 -3.19 -8.71
C GLY B 194 -31.55 -1.88 -8.65
N LYS B 195 -30.94 -0.80 -9.14
CA LYS B 195 -31.61 0.49 -9.14
C LYS B 195 -32.54 0.63 -10.32
N PRO B 196 -33.58 1.46 -10.18
CA PRO B 196 -34.51 1.67 -11.29
C PRO B 196 -33.81 2.39 -12.44
N LEU B 197 -34.34 2.23 -13.65
CA LEU B 197 -33.86 2.98 -14.80
C LEU B 197 -34.14 4.47 -14.64
N PRO B 198 -33.29 5.32 -15.22
CA PRO B 198 -33.66 6.75 -15.25
C PRO B 198 -35.01 6.93 -15.92
N LYS B 199 -35.78 7.91 -15.47
CA LYS B 199 -37.08 8.15 -16.09
C LYS B 199 -36.92 8.41 -17.58
N GLY B 200 -37.73 7.74 -18.39
CA GLY B 200 -37.68 7.95 -19.82
C GLY B 200 -36.63 7.13 -20.57
N LEU B 201 -35.76 6.43 -19.84
CA LEU B 201 -34.80 5.54 -20.48
C LEU B 201 -35.34 4.12 -20.45
N SER B 202 -35.68 3.59 -21.62
CA SER B 202 -36.25 2.25 -21.68
C SER B 202 -35.17 1.22 -21.42
N GLN B 203 -35.58 0.01 -21.08
CA GLN B 203 -34.61 -1.05 -20.88
C GLN B 203 -33.83 -1.28 -22.16
N GLU B 204 -34.53 -1.16 -23.29
CA GLU B 204 -33.90 -1.33 -24.60
C GLU B 204 -32.77 -0.32 -24.78
N ASP B 205 -33.02 0.93 -24.43
CA ASP B 205 -32.02 1.98 -24.54
C ASP B 205 -30.86 1.74 -23.58
N ALA B 206 -31.17 1.38 -22.34
CA ALA B 206 -30.12 1.08 -21.39
C ALA B 206 -29.24 -0.06 -21.91
N ASP B 207 -29.87 -1.10 -22.44
CA ASP B 207 -29.14 -2.24 -22.98
C ASP B 207 -28.21 -1.79 -24.12
N GLN B 208 -28.70 -0.92 -24.99
CA GLN B 208 -27.88 -0.42 -26.10
C GLN B 208 -26.67 0.36 -25.61
N ILE B 209 -26.89 1.22 -24.64
CA ILE B 209 -25.81 2.04 -24.09
C ILE B 209 -24.76 1.15 -23.44
N ILE B 210 -25.21 0.19 -22.65
CA ILE B 210 -24.29 -0.74 -21.99
C ILE B 210 -23.53 -1.59 -23.02
N ALA B 211 -24.22 -2.03 -24.07
CA ALA B 211 -23.58 -2.82 -25.11
C ALA B 211 -22.50 -2.02 -25.83
N LEU B 212 -22.77 -0.74 -26.09
CA LEU B 212 -21.80 0.13 -26.74
C LEU B 212 -20.61 0.37 -25.83
N THR B 213 -20.86 0.44 -24.53
CA THR B 213 -19.80 0.66 -23.55
C THR B 213 -18.85 -0.54 -23.55
N ASP B 214 -19.42 -1.74 -23.52
CA ASP B 214 -18.63 -2.96 -23.53
C ASP B 214 -17.84 -3.05 -24.84
N TRP B 215 -18.53 -2.77 -25.95
CA TRP B 215 -17.90 -2.81 -27.27
C TRP B 215 -16.73 -1.85 -27.33
N GLY B 216 -16.95 -0.63 -26.84
CA GLY B 216 -15.97 0.43 -26.92
C GLY B 216 -14.71 0.14 -26.13
N LEU B 217 -14.88 -0.31 -24.89
CA LEU B 217 -13.73 -0.64 -24.07
C LEU B 217 -12.88 -1.74 -24.71
N ALA B 218 -13.53 -2.79 -25.21
CA ALA B 218 -12.78 -3.86 -25.87
C ALA B 218 -12.15 -3.39 -27.19
N GLN B 219 -12.87 -2.57 -27.94
CA GLN B 219 -12.37 -2.12 -29.23
C GLN B 219 -11.04 -1.38 -29.10
N GLN B 220 -10.91 -0.61 -28.03
CA GLN B 220 -9.70 0.18 -27.81
C GLN B 220 -8.45 -0.69 -27.86
N PHE B 221 -8.55 -1.90 -27.31
CA PHE B 221 -7.37 -2.74 -27.15
C PHE B 221 -7.23 -3.82 -28.22
N LYS B 222 -8.12 -3.79 -29.21
CA LYS B 222 -7.96 -4.65 -30.36
C LYS B 222 -6.82 -4.14 -31.22
N SER B 223 -6.37 -2.91 -30.94
CA SER B 223 -5.12 -2.42 -31.48
C SER B 223 -3.97 -2.89 -30.60
N GLN B 224 -3.05 -3.67 -31.17
CA GLN B 224 -1.89 -4.11 -30.40
C GLN B 224 -0.97 -2.94 -30.06
N LYS B 225 -0.96 -1.93 -30.93
CA LYS B 225 -0.17 -0.73 -30.68
C LYS B 225 -0.68 0.02 -29.45
N VAL B 226 -1.99 0.28 -29.40
CA VAL B 226 -2.57 0.94 -28.23
C VAL B 226 -2.29 0.10 -26.98
N SER B 227 -2.50 -1.20 -27.09
CA SER B 227 -2.26 -2.10 -25.97
C SER B 227 -0.83 -2.02 -25.48
N TYR B 228 0.12 -1.98 -26.41
CA TYR B 228 1.53 -1.94 -26.05
C TYR B 228 1.92 -0.61 -25.40
N ILE B 229 1.41 0.50 -25.94
CA ILE B 229 1.69 1.80 -25.35
C ILE B 229 1.36 1.78 -23.85
N MET B 230 0.20 1.26 -23.50
CA MET B 230 -0.22 1.28 -22.12
C MET B 230 0.17 0.07 -21.30
N GLY B 231 0.34 -1.08 -21.96
CA GLY B 231 0.53 -2.34 -21.27
C GLY B 231 1.84 -3.05 -21.51
N GLY B 232 2.68 -2.52 -22.39
CA GLY B 232 3.96 -3.14 -22.68
C GLY B 232 4.81 -3.29 -21.43
N LYS B 233 4.79 -2.27 -20.58
CA LYS B 233 5.65 -2.28 -19.41
C LYS B 233 5.27 -3.40 -18.44
N LEU B 234 3.97 -3.51 -18.14
CA LEU B 234 3.51 -4.55 -17.22
C LEU B 234 3.67 -5.94 -17.83
N THR B 235 3.40 -6.08 -19.12
CA THR B 235 3.52 -7.37 -19.77
C THR B 235 4.98 -7.85 -19.68
N ASN B 236 5.91 -6.95 -20.01
CA ASN B 236 7.34 -7.27 -19.87
C ASN B 236 7.71 -7.65 -18.44
N ARG B 237 7.15 -6.92 -17.47
CA ARG B 237 7.48 -7.15 -16.07
C ARG B 237 6.98 -8.52 -15.59
N MET B 238 5.77 -8.90 -16.00
CA MET B 238 5.24 -10.21 -15.60
C MET B 238 6.08 -11.34 -16.18
N ILE B 239 6.50 -11.20 -17.43
CA ILE B 239 7.35 -12.22 -18.04
C ILE B 239 8.71 -12.27 -17.34
N GLU B 240 9.22 -11.10 -16.96
CA GLU B 240 10.45 -11.04 -16.18
C GLU B 240 10.30 -11.75 -14.83
N ASP B 241 9.12 -11.65 -14.22
CA ASP B 241 8.83 -12.35 -12.98
C ASP B 241 8.97 -13.86 -13.18
N LEU B 242 8.45 -14.36 -14.29
CA LEU B 242 8.59 -15.79 -14.60
C LEU B 242 10.06 -16.16 -14.70
N ASN B 243 10.82 -15.34 -15.43
CA ASN B 243 12.25 -15.60 -15.60
C ASN B 243 12.99 -15.60 -14.28
N ASN B 244 12.62 -14.68 -13.39
CA ASN B 244 13.25 -14.59 -12.08
C ASN B 244 12.96 -15.80 -11.19
N ALA B 245 11.87 -16.51 -11.47
CA ALA B 245 11.52 -17.72 -10.73
C ALA B 245 12.40 -18.89 -11.15
N VAL B 246 13.01 -18.77 -12.32
CA VAL B 246 13.86 -19.83 -12.87
C VAL B 246 15.33 -19.53 -12.64
N ASN B 247 15.71 -18.26 -12.78
CA ASN B 247 17.12 -17.87 -12.76
C ASN B 247 17.69 -17.63 -11.36
N GLY B 248 16.85 -17.81 -10.33
CA GLY B 248 17.29 -17.68 -8.96
C GLY B 248 17.21 -16.27 -8.39
N LYS B 249 16.83 -15.31 -9.21
CA LYS B 249 16.84 -13.91 -8.79
C LYS B 249 15.76 -13.61 -7.75
N SER B 250 14.64 -14.33 -7.82
CA SER B 250 13.54 -14.09 -6.90
C SER B 250 13.02 -15.38 -6.27
N LYS B 251 12.63 -15.29 -5.00
CA LYS B 251 12.10 -16.45 -4.28
C LYS B 251 10.59 -16.40 -4.12
N TYR B 252 9.94 -15.41 -4.73
CA TYR B 252 8.48 -15.34 -4.68
C TYR B 252 7.85 -16.55 -5.38
N LYS B 253 6.75 -17.05 -4.82
CA LYS B 253 5.93 -18.07 -5.49
C LYS B 253 4.87 -17.42 -6.37
N MET B 254 4.53 -16.16 -6.07
CA MET B 254 3.53 -15.45 -6.84
C MET B 254 3.82 -13.96 -6.82
N THR B 255 3.63 -13.32 -7.97
CA THR B 255 3.51 -11.87 -8.02
C THR B 255 2.07 -11.53 -8.40
N TYR B 256 1.50 -10.55 -7.71
CA TYR B 256 0.09 -10.22 -7.89
C TYR B 256 -0.02 -8.71 -8.07
N TYR B 257 -0.50 -8.31 -9.24
CA TYR B 257 -0.74 -6.91 -9.58
C TYR B 257 -2.23 -6.61 -9.49
N SER B 258 -2.60 -5.79 -8.52
CA SER B 258 -4.01 -5.44 -8.30
C SER B 258 -4.37 -4.22 -9.14
N GLY B 259 -5.23 -4.41 -10.11
CA GLY B 259 -5.49 -3.38 -11.09
C GLY B 259 -6.93 -3.23 -11.55
N HIS B 260 -7.05 -2.90 -12.83
CA HIS B 260 -8.26 -2.35 -13.42
C HIS B 260 -8.66 -3.07 -14.69
N ALA B 261 -9.83 -2.73 -15.21
CA ALA B 261 -10.24 -3.27 -16.50
C ALA B 261 -9.15 -3.03 -17.55
N LEU B 262 -8.57 -1.83 -17.54
CA LEU B 262 -7.53 -1.47 -18.50
C LEU B 262 -6.27 -2.32 -18.37
N THR B 263 -5.95 -2.73 -17.14
CA THR B 263 -4.78 -3.56 -16.89
C THR B 263 -4.92 -4.91 -17.61
N LEU B 264 -6.10 -5.52 -17.46
CA LEU B 264 -6.35 -6.80 -18.12
C LEU B 264 -6.42 -6.63 -19.64
N LEU B 265 -7.14 -5.60 -20.08
CA LEU B 265 -7.27 -5.33 -21.52
C LEU B 265 -5.92 -5.10 -22.17
N GLU B 266 -5.06 -4.35 -21.51
CA GLU B 266 -3.79 -3.97 -22.13
C GLU B 266 -2.79 -5.12 -22.19
N VAL B 267 -2.80 -6.00 -21.20
CA VAL B 267 -1.89 -7.14 -21.21
C VAL B 267 -2.35 -8.19 -22.22
N MET B 268 -3.63 -8.52 -22.20
CA MET B 268 -4.18 -9.44 -23.19
C MET B 268 -3.96 -8.89 -24.60
N GLY B 269 -4.17 -7.59 -24.78
CA GLY B 269 -4.00 -6.96 -26.08
C GLY B 269 -2.55 -6.92 -26.54
N THR B 270 -1.64 -6.66 -25.61
CA THR B 270 -0.22 -6.65 -25.93
C THR B 270 0.25 -8.02 -26.42
N LEU B 271 -0.28 -9.07 -25.81
CA LEU B 271 0.09 -10.44 -26.18
C LEU B 271 -0.60 -10.94 -27.44
N GLY B 272 -1.43 -10.09 -28.05
CA GLY B 272 -2.06 -10.46 -29.30
C GLY B 272 -3.29 -11.34 -29.14
N VAL B 273 -3.85 -11.36 -27.94
CA VAL B 273 -5.09 -12.08 -27.68
C VAL B 273 -6.11 -11.13 -27.03
N PRO B 274 -6.42 -10.03 -27.71
CA PRO B 274 -7.33 -9.04 -27.12
C PRO B 274 -8.69 -9.62 -26.77
N LEU B 275 -9.27 -9.13 -25.68
CA LEU B 275 -10.60 -9.54 -25.26
C LEU B 275 -11.68 -8.96 -26.18
N ASP B 276 -12.80 -9.67 -26.30
CA ASP B 276 -13.91 -9.21 -27.11
C ASP B 276 -14.93 -8.47 -26.26
N THR B 277 -14.82 -8.62 -24.94
CA THR B 277 -15.73 -7.98 -24.01
C THR B 277 -14.93 -7.32 -22.89
N ALA B 278 -15.47 -6.24 -22.33
CA ALA B 278 -14.79 -5.54 -21.23
C ALA B 278 -14.82 -6.40 -19.97
N PRO B 279 -13.67 -6.46 -19.27
CA PRO B 279 -13.60 -7.27 -18.05
C PRO B 279 -14.58 -6.83 -16.97
N GLY B 280 -15.35 -7.78 -16.45
CA GLY B 280 -16.22 -7.51 -15.33
C GLY B 280 -15.44 -7.44 -14.03
N TYR B 281 -16.15 -7.15 -12.95
CA TYR B 281 -15.52 -7.08 -11.64
C TYR B 281 -14.87 -8.40 -11.27
N ALA B 282 -13.69 -8.31 -10.63
CA ALA B 282 -12.94 -9.47 -10.18
C ALA B 282 -12.51 -10.41 -11.32
N SER B 283 -12.49 -9.89 -12.54
CA SER B 283 -11.84 -10.62 -13.63
C SER B 283 -10.36 -10.77 -13.28
N ASN B 284 -9.74 -11.80 -13.82
CA ASN B 284 -8.38 -12.09 -13.41
C ASN B 284 -7.64 -12.87 -14.48
N LEU B 285 -6.33 -12.70 -14.49
CA LEU B 285 -5.47 -13.34 -15.46
C LEU B 285 -4.29 -13.93 -14.71
N GLU B 286 -3.88 -15.14 -15.08
CA GLU B 286 -2.71 -15.77 -14.48
C GLU B 286 -1.75 -16.29 -15.54
N MET B 287 -0.47 -16.00 -15.36
CA MET B 287 0.59 -16.65 -16.12
C MET B 287 1.15 -17.72 -15.20
N GLU B 288 1.01 -18.98 -15.62
CA GLU B 288 1.47 -20.11 -14.82
C GLU B 288 2.76 -20.69 -15.37
N LEU B 289 3.75 -20.88 -14.51
CA LEU B 289 5.04 -21.44 -14.91
C LEU B 289 5.23 -22.84 -14.33
N TYR B 290 5.51 -23.81 -15.20
CA TYR B 290 5.67 -25.20 -14.80
C TYR B 290 7.08 -25.67 -15.03
N LYS B 291 7.55 -26.58 -14.18
CA LYS B 291 8.88 -27.16 -14.29
C LYS B 291 8.81 -28.67 -14.38
N ASP B 292 9.42 -29.22 -15.41
CA ASP B 292 9.66 -30.66 -15.48
C ASP B 292 11.13 -30.85 -15.80
N GLY B 293 11.93 -31.02 -14.75
CA GLY B 293 13.37 -31.10 -14.90
C GLY B 293 13.92 -29.78 -15.38
N ASP B 294 14.55 -29.79 -16.55
CA ASP B 294 15.13 -28.59 -17.13
C ASP B 294 14.18 -27.94 -18.14
N ILE B 295 12.98 -28.50 -18.25
CA ILE B 295 11.98 -27.99 -19.18
C ILE B 295 10.98 -27.06 -18.47
N TYR B 296 10.92 -25.82 -18.93
CA TYR B 296 10.00 -24.85 -18.34
C TYR B 296 8.90 -24.47 -19.33
N THR B 297 7.65 -24.55 -18.88
CA THR B 297 6.52 -24.27 -19.75
C THR B 297 5.57 -23.25 -19.12
N VAL B 298 4.85 -22.53 -19.98
CA VAL B 298 3.96 -21.48 -19.52
C VAL B 298 2.56 -21.70 -20.06
N LYS B 299 1.56 -21.39 -19.23
CA LYS B 299 0.17 -21.33 -19.67
C LYS B 299 -0.42 -20.00 -19.25
N LEU B 300 -1.44 -19.56 -19.96
CA LEU B 300 -2.07 -18.26 -19.75
C LEU B 300 -3.55 -18.50 -19.48
N ARG B 301 -4.02 -18.03 -18.34
CA ARG B 301 -5.40 -18.26 -17.92
CA ARG B 301 -5.40 -18.27 -17.90
C ARG B 301 -6.12 -16.93 -17.76
N TYR B 302 -7.32 -16.84 -18.33
CA TYR B 302 -8.13 -15.63 -18.19
C TYR B 302 -9.55 -16.01 -17.77
N ASN B 303 -9.99 -15.46 -16.65
CA ASN B 303 -11.32 -15.77 -16.10
C ASN B 303 -11.62 -17.26 -16.11
N GLY B 304 -10.65 -18.05 -15.68
CA GLY B 304 -10.87 -19.47 -15.46
C GLY B 304 -10.74 -20.39 -16.66
N LYS B 305 -10.25 -19.86 -17.78
CA LYS B 305 -10.07 -20.65 -18.99
C LYS B 305 -8.70 -20.35 -19.61
N TYR B 306 -8.01 -21.40 -20.03
CA TYR B 306 -6.73 -21.21 -20.69
C TYR B 306 -6.89 -20.52 -22.04
N VAL B 307 -5.91 -19.70 -22.38
CA VAL B 307 -5.91 -18.93 -23.61
C VAL B 307 -4.73 -19.33 -24.47
N LYS B 308 -4.99 -19.61 -25.74
CA LYS B 308 -3.94 -20.04 -26.66
C LYS B 308 -3.27 -18.86 -27.36
N LEU B 309 -2.04 -18.57 -26.98
CA LEU B 309 -1.24 -17.60 -27.71
C LEU B 309 -0.86 -18.24 -29.04
N PRO B 310 -0.51 -17.41 -30.04
CA PRO B 310 -0.14 -17.95 -31.35
C PRO B 310 1.03 -18.92 -31.26
N ILE B 311 1.87 -18.76 -30.25
CA ILE B 311 3.07 -19.59 -30.09
C ILE B 311 2.79 -20.88 -29.33
N MET B 312 1.58 -21.07 -28.86
CA MET B 312 1.25 -22.22 -28.04
C MET B 312 0.78 -23.44 -28.83
N ASP B 313 0.95 -24.61 -28.24
CA ASP B 313 0.54 -25.86 -28.87
C ASP B 313 -0.92 -26.19 -28.57
N LYS B 314 -1.36 -27.37 -29.00
CA LYS B 314 -2.74 -27.80 -28.82
C LYS B 314 -3.13 -27.85 -27.34
N ASN B 315 -2.13 -27.89 -26.47
CA ASN B 315 -2.37 -27.99 -25.04
C ASN B 315 -2.31 -26.62 -24.36
N ASN B 316 -2.38 -25.56 -25.15
CA ASN B 316 -2.37 -24.20 -24.60
C ASN B 316 -1.09 -23.94 -23.80
N SER B 317 0.02 -24.42 -24.34
CA SER B 317 1.29 -24.33 -23.64
C SER B 317 2.44 -23.99 -24.58
N CYS B 318 3.45 -23.32 -24.03
CA CYS B 318 4.67 -23.05 -24.77
C CYS B 318 5.83 -23.04 -23.78
N SER B 319 7.05 -23.12 -24.29
CA SER B 319 8.22 -23.01 -23.40
C SER B 319 8.38 -21.57 -22.94
N LEU B 320 9.04 -21.38 -21.80
CA LEU B 320 9.35 -20.04 -21.35
C LEU B 320 10.28 -19.35 -22.36
N ASP B 321 11.19 -20.11 -22.95
CA ASP B 321 12.06 -19.59 -24.00
C ASP B 321 11.23 -19.02 -25.15
N ALA B 322 10.22 -19.77 -25.57
CA ALA B 322 9.34 -19.33 -26.64
C ALA B 322 8.59 -18.05 -26.28
N LEU B 323 8.13 -17.96 -25.03
CA LEU B 323 7.42 -16.78 -24.56
C LEU B 323 8.35 -15.58 -24.59
N ASN B 324 9.59 -15.78 -24.16
CA ASN B 324 10.58 -14.72 -24.19
C ASN B 324 10.82 -14.21 -25.61
N LYS B 325 11.03 -15.13 -26.55
CA LYS B 325 11.23 -14.75 -27.94
C LYS B 325 10.01 -14.00 -28.49
N TYR B 326 8.82 -14.49 -28.14
CA TYR B 326 7.58 -13.84 -28.56
C TYR B 326 7.51 -12.41 -28.05
N MET B 327 7.77 -12.22 -26.76
CA MET B 327 7.74 -10.89 -26.17
C MET B 327 8.80 -9.99 -26.79
N GLN B 328 9.99 -10.54 -27.02
CA GLN B 328 11.07 -9.79 -27.63
C GLN B 328 10.63 -9.25 -29.00
N SER B 329 9.96 -10.10 -29.78
CA SER B 329 9.52 -9.69 -31.11
C SER B 329 8.47 -8.58 -31.01
N ILE B 330 7.64 -8.63 -29.98
CA ILE B 330 6.66 -7.59 -29.76
C ILE B 330 7.34 -6.27 -29.41
N ASN B 331 8.33 -6.34 -28.54
CA ASN B 331 9.13 -5.16 -28.20
C ASN B 331 9.78 -4.55 -29.44
N GLU B 332 10.38 -5.38 -30.28
CA GLU B 332 11.04 -4.90 -31.48
C GLU B 332 10.03 -4.29 -32.45
N LYS B 333 8.86 -4.92 -32.54
CA LYS B 333 7.79 -4.46 -33.41
C LYS B 333 7.37 -3.04 -33.09
N PHE B 334 7.34 -2.70 -31.81
CA PHE B 334 6.81 -1.41 -31.38
C PHE B 334 7.87 -0.41 -30.91
N GLN B 335 9.14 -0.77 -31.07
CA GLN B 335 10.25 0.11 -30.72
C GLN B 335 10.15 1.43 -31.48
N LYS B 336 10.40 2.53 -30.78
CA LYS B 336 10.27 3.86 -31.37
C LYS B 336 11.54 4.30 -32.08
N HIS B 337 11.38 4.86 -33.27
CA HIS B 337 12.50 5.47 -33.98
C HIS B 337 12.80 6.82 -33.36
N HIS B 338 13.92 6.89 -32.62
CA HIS B 338 14.31 8.12 -31.95
C HIS B 338 14.87 9.13 -32.95
N HIS B 339 14.71 10.42 -32.64
CA HIS B 339 15.26 11.47 -33.48
C HIS B 339 15.94 12.55 -32.65
N HIS B 340 16.91 13.22 -33.25
CA HIS B 340 17.49 14.42 -32.67
C HIS B 340 16.70 15.62 -33.15
N HIS B 341 16.95 16.78 -32.55
CA HIS B 341 16.20 17.98 -32.88
C HIS B 341 17.11 19.19 -32.98
N HIS B 342 16.57 20.31 -33.42
CA HIS B 342 17.35 21.53 -33.53
C HIS B 342 17.62 22.12 -32.14
O1P 3AM C . 11.80 1.54 13.41
P 3AM C . 12.95 0.77 12.56
O2P 3AM C . 12.54 0.47 11.03
O3P 3AM C . 13.44 -0.44 13.23
O2' 3AM C . 14.51 1.84 9.69
C2' 3AM C . 15.46 1.19 10.49
C3' 3AM C . 15.42 1.52 11.98
O3' 3AM C . 14.15 1.87 12.48
C1' 3AM C . 16.84 1.57 10.11
O4' 3AM C . 17.40 2.46 11.05
C4' 3AM C . 16.41 2.72 12.11
C5' 3AM C . 17.00 2.91 13.51
O5' 3AM C . 17.61 1.78 14.07
N9 3AM C . 17.77 0.44 9.98
C8 3AM C . 18.62 0.01 10.93
N7 3AM C . 19.46 -1.00 10.33
C5 3AM C . 19.08 -1.13 8.98
C6 3AM C . 19.55 -1.95 7.94
N6 3AM C . 20.66 -2.86 8.18
C4 3AM C . 18.05 -0.26 8.74
N3 3AM C . 17.46 -0.17 7.47
C2 3AM C . 17.94 -1.01 6.42
N1 3AM C . 18.97 -1.88 6.66
O1P 3AM D . -11.36 -1.17 -13.66
P 3AM D . -11.73 0.41 -13.53
O2P 3AM D . -10.84 1.24 -12.49
O3P 3AM D . -13.18 0.60 -13.31
O2' 3AM D . -9.72 3.12 -14.10
C2' 3AM D . -10.99 3.43 -14.57
C3' 3AM D . -11.69 2.32 -15.36
O3' 3AM D . -11.32 1.01 -15.00
C1' 3AM D . -10.95 4.56 -15.54
O4' 3AM D . -11.11 4.07 -16.87
C4' 3AM D . -11.27 2.61 -16.84
C5' 3AM D . -12.22 2.06 -17.90
O5' 3AM D . -13.57 2.39 -17.75
N9 3AM D . -11.98 5.58 -15.34
C8 3AM D . -13.17 5.65 -15.98
N7 3AM D . -13.78 6.90 -15.59
C5 3AM D . -12.89 7.57 -14.73
C6 3AM D . -12.96 8.81 -14.07
N6 3AM D . -14.12 9.66 -14.26
C4 3AM D . -11.78 6.79 -14.56
N3 3AM D . -10.71 7.20 -13.75
C2 3AM D . -10.79 8.46 -13.08
N1 3AM D . -11.90 9.24 -13.25
#